data_8XE2
#
_entry.id   8XE2
#
_cell.length_a   49.514
_cell.length_b   81.596
_cell.length_c   116.427
_cell.angle_alpha   90.000
_cell.angle_beta   91.372
_cell.angle_gamma   90.000
#
_symmetry.space_group_name_H-M   'P 1 21 1'
#
loop_
_entity.id
_entity.type
_entity.pdbx_description
1 polymer 'norbelladine O-methyltransferase'
2 non-polymer GLYCEROL
3 non-polymer 'MAGNESIUM ION'
4 non-polymer S-ADENOSYL-L-HOMOCYSTEINE
5 non-polymer 'Protocatechuic aldehyde'
6 water water
#
_entity_poly.entity_id   1
_entity_poly.type   'polypeptide(L)'
_entity_poly.pdbx_seq_one_letter_code
;GPGMGASQDDYALIHKNILHSEDLLKYILETSVYPREHEQLKGLREVTEKHEWSMALVAADEGLFLSMLLKLMNAKRTIE
IGVYTGYSLLTTALALPEDGKITAIDVNKSYFEIGLPFIQKAGVEHKINFIESEALPVLDQMLQEMKEEDLYDFAFVDAD
KPNYANYHERLVKLVRVGGAIVYDNTLWFGTVAFPEYPGLHPEEEECRVSFRNLNKLLAADPRVEISQVSIGAGLTICRR
LY
;
_entity_poly.pdbx_strand_id   A,B,C,D
#
loop_
_chem_comp.id
_chem_comp.type
_chem_comp.name
_chem_comp.formula
GOL non-polymer GLYCEROL 'C3 H8 O3'
H6N non-polymer 'Protocatechuic aldehyde' 'C7 H6 O3'
MG non-polymer 'MAGNESIUM ION' 'Mg 2'
#
# COMPACT_ATOMS: atom_id res chain seq x y z
N GLY A 1 3.70 6.45 -5.43
CA GLY A 1 3.98 5.06 -5.75
C GLY A 1 5.23 4.53 -5.07
N PRO A 2 6.38 4.65 -5.73
CA PRO A 2 7.65 4.37 -5.04
C PRO A 2 7.91 5.47 -4.02
N GLY A 3 8.04 5.08 -2.75
CA GLY A 3 8.19 6.02 -1.67
C GLY A 3 6.94 6.24 -0.84
N MET A 4 5.77 5.87 -1.36
CA MET A 4 4.52 5.99 -0.61
C MET A 4 3.43 5.13 -1.24
N GLN A 8 1.44 -0.39 -7.24
CA GLN A 8 1.96 -0.66 -8.57
C GLN A 8 1.04 -1.54 -9.39
N ASP A 9 0.94 -2.82 -9.01
CA ASP A 9 -0.04 -3.69 -9.63
C ASP A 9 -1.46 -3.24 -9.32
N ASP A 10 -1.62 -2.37 -8.31
CA ASP A 10 -2.90 -1.73 -8.04
C ASP A 10 -3.24 -0.65 -9.06
N TYR A 11 -2.28 -0.22 -9.87
CA TYR A 11 -2.56 0.75 -10.93
C TYR A 11 -3.40 0.12 -12.03
N ALA A 12 -4.27 0.94 -12.62
CA ALA A 12 -5.05 0.51 -13.78
C ALA A 12 -4.38 0.86 -15.10
N LEU A 13 -3.52 1.88 -15.11
CA LEU A 13 -2.78 2.28 -16.30
C LEU A 13 -1.45 1.55 -16.35
N ILE A 14 -1.02 1.19 -17.56
CA ILE A 14 0.12 0.30 -17.77
C ILE A 14 1.19 0.95 -18.63
N HIS A 15 0.79 1.57 -19.74
CA HIS A 15 1.73 2.12 -20.72
C HIS A 15 1.64 3.65 -20.67
N LYS A 16 2.70 4.29 -20.17
CA LYS A 16 2.71 5.74 -20.06
C LYS A 16 3.04 6.43 -21.38
N ASN A 17 3.71 5.73 -22.30
CA ASN A 17 3.95 6.31 -23.63
C ASN A 17 2.63 6.61 -24.31
N ILE A 18 2.54 7.79 -24.92
CA ILE A 18 1.26 8.33 -25.39
C ILE A 18 1.08 8.14 -26.89
N LEU A 19 1.93 7.35 -27.54
CA LEU A 19 1.84 7.17 -28.97
C LEU A 19 0.77 6.15 -29.34
N HIS A 20 0.27 6.28 -30.57
CA HIS A 20 -0.78 5.39 -31.05
C HIS A 20 -0.26 3.98 -31.29
N SER A 21 0.97 3.86 -31.77
CA SER A 21 1.51 2.58 -32.24
C SER A 21 2.66 2.15 -31.35
N GLU A 22 2.54 0.96 -30.77
CA GLU A 22 3.68 0.37 -30.08
C GLU A 22 4.80 0.02 -31.04
N ASP A 23 4.48 -0.22 -32.31
CA ASP A 23 5.50 -0.50 -33.30
C ASP A 23 6.32 0.74 -33.63
N LEU A 24 5.70 1.92 -33.59
CA LEU A 24 6.45 3.16 -33.78
C LEU A 24 7.34 3.44 -32.57
N LEU A 25 6.85 3.15 -31.36
CA LEU A 25 7.68 3.32 -30.17
C LEU A 25 8.90 2.41 -30.23
N LYS A 26 8.70 1.13 -30.52
CA LYS A 26 9.84 0.22 -30.64
C LYS A 26 10.77 0.66 -31.75
N TYR A 27 10.23 1.18 -32.85
CA TYR A 27 11.07 1.71 -33.92
C TYR A 27 11.95 2.84 -33.42
N ILE A 28 11.35 3.79 -32.68
CA ILE A 28 12.13 4.92 -32.16
C ILE A 28 13.22 4.43 -31.22
N LEU A 29 12.92 3.44 -30.40
CA LEU A 29 13.90 2.97 -29.42
C LEU A 29 15.04 2.20 -30.06
N GLU A 30 14.73 1.34 -31.03
CA GLU A 30 15.77 0.52 -31.64
C GLU A 30 16.54 1.27 -32.71
N THR A 31 15.95 2.29 -33.32
CA THR A 31 16.64 3.03 -34.36
C THR A 31 17.45 4.19 -33.82
N SER A 32 16.90 4.95 -32.86
CA SER A 32 17.50 6.22 -32.47
C SER A 32 17.90 6.28 -30.99
N VAL A 33 17.60 5.27 -30.18
CA VAL A 33 17.88 5.36 -28.75
C VAL A 33 18.92 4.32 -28.34
N TYR A 34 18.56 3.04 -28.43
CA TYR A 34 19.47 1.98 -28.02
C TYR A 34 20.84 2.05 -28.68
N PRO A 35 20.98 2.33 -29.97
CA PRO A 35 22.33 2.50 -30.53
C PRO A 35 23.11 3.65 -29.92
N ARG A 36 22.43 4.66 -29.37
CA ARG A 36 23.10 5.81 -28.76
C ARG A 36 23.04 5.76 -27.24
N GLU A 37 22.62 4.64 -26.66
CA GLU A 37 22.49 4.53 -25.22
C GLU A 37 23.80 4.06 -24.60
N HIS A 38 24.21 4.73 -23.52
CA HIS A 38 25.44 4.37 -22.84
C HIS A 38 25.40 2.94 -22.34
N GLU A 39 26.57 2.31 -22.26
CA GLU A 39 26.65 0.92 -21.84
C GLU A 39 26.09 0.73 -20.43
N GLN A 40 26.40 1.65 -19.51
CA GLN A 40 25.90 1.56 -18.15
C GLN A 40 24.46 2.04 -18.02
N LEU A 41 23.99 2.91 -18.92
CA LEU A 41 22.58 3.24 -18.95
C LEU A 41 21.75 2.04 -19.38
N LYS A 42 22.29 1.21 -20.28
CA LYS A 42 21.60 -0.02 -20.67
C LYS A 42 21.50 -0.99 -19.49
N GLY A 43 22.62 -1.24 -18.81
CA GLY A 43 22.60 -2.16 -17.69
C GLY A 43 21.69 -1.71 -16.56
N LEU A 44 21.69 -0.41 -16.27
CA LEU A 44 20.78 0.13 -15.27
C LEU A 44 19.33 -0.05 -15.71
N ARG A 45 19.05 0.15 -17.00
CA ARG A 45 17.68 0.06 -17.48
C ARG A 45 17.16 -1.37 -17.38
N GLU A 46 17.93 -2.35 -17.87
CA GLU A 46 17.47 -3.73 -17.87
C GLU A 46 17.19 -4.21 -16.44
N VAL A 47 18.05 -3.85 -15.49
CA VAL A 47 17.82 -4.22 -14.10
C VAL A 47 16.55 -3.55 -13.58
N THR A 48 16.37 -2.27 -13.88
CA THR A 48 15.20 -1.54 -13.40
C THR A 48 13.90 -2.07 -14.00
N GLU A 49 13.95 -2.58 -15.24
CA GLU A 49 12.76 -3.15 -15.85
C GLU A 49 12.25 -4.38 -15.12
N LYS A 50 13.08 -5.00 -14.27
N LYS A 50 13.10 -4.98 -14.27
CA LYS A 50 12.66 -6.13 -13.46
CA LYS A 50 12.72 -6.13 -13.46
C LYS A 50 12.27 -5.74 -12.05
C LYS A 50 12.37 -5.74 -12.03
N HIS A 51 12.43 -4.46 -11.69
CA HIS A 51 12.07 -4.00 -10.36
C HIS A 51 10.55 -3.92 -10.21
N GLU A 52 10.09 -3.94 -8.96
CA GLU A 52 8.66 -3.96 -8.71
C GLU A 52 7.99 -2.63 -9.01
N TRP A 53 8.74 -1.55 -9.18
CA TRP A 53 8.19 -0.27 -9.61
C TRP A 53 8.82 0.17 -10.93
N SER A 54 8.94 -0.77 -11.87
CA SER A 54 9.59 -0.51 -13.15
C SER A 54 8.81 0.48 -14.00
N MET A 55 7.52 0.69 -13.73
CA MET A 55 6.74 1.62 -14.54
C MET A 55 7.22 3.06 -14.34
N ALA A 56 7.81 3.36 -13.19
CA ALA A 56 8.28 4.71 -12.90
C ALA A 56 9.60 5.04 -13.60
N LEU A 57 10.24 4.05 -14.21
CA LEU A 57 11.49 4.30 -14.92
C LEU A 57 11.27 5.30 -16.06
N VAL A 58 12.16 6.29 -16.15
CA VAL A 58 12.03 7.30 -17.20
C VAL A 58 12.22 6.64 -18.57
N ALA A 59 11.51 7.16 -19.57
CA ALA A 59 11.57 6.59 -20.90
C ALA A 59 12.94 6.82 -21.52
N ALA A 60 13.42 5.81 -22.25
CA ALA A 60 14.77 5.88 -22.81
C ALA A 60 14.89 7.00 -23.83
N ASP A 61 13.91 7.12 -24.73
CA ASP A 61 13.91 8.22 -25.69
C ASP A 61 13.77 9.56 -24.98
N GLU A 62 13.06 9.58 -23.85
CA GLU A 62 12.99 10.78 -23.03
C GLU A 62 14.33 11.09 -22.38
N GLY A 63 15.15 10.06 -22.13
CA GLY A 63 16.44 10.29 -21.51
C GLY A 63 17.44 10.91 -22.47
N LEU A 64 17.50 10.40 -23.70
CA LEU A 64 18.41 10.98 -24.70
C LEU A 64 18.04 12.41 -25.01
N PHE A 65 16.77 12.78 -24.86
CA PHE A 65 16.35 14.14 -25.12
C PHE A 65 16.81 15.09 -24.01
N LEU A 66 16.67 14.66 -22.75
CA LEU A 66 17.18 15.45 -21.65
C LEU A 66 18.68 15.69 -21.79
N SER A 67 19.43 14.65 -22.19
CA SER A 67 20.86 14.80 -22.41
C SER A 67 21.15 15.78 -23.54
N MET A 68 20.32 15.79 -24.58
CA MET A 68 20.50 16.74 -25.66
C MET A 68 20.28 18.17 -25.18
N LEU A 69 19.29 18.39 -24.32
CA LEU A 69 19.02 19.73 -23.83
C LEU A 69 20.12 20.22 -22.91
N LEU A 70 20.66 19.34 -22.06
CA LEU A 70 21.72 19.73 -21.14
C LEU A 70 22.95 20.23 -21.88
N LYS A 71 23.24 19.66 -23.06
CA LYS A 71 24.44 20.05 -23.79
C LYS A 71 24.21 21.30 -24.63
N LEU A 72 23.03 21.42 -25.24
CA LEU A 72 22.75 22.60 -26.06
C LEU A 72 22.72 23.86 -25.22
N MET A 73 22.19 23.79 -24.01
CA MET A 73 22.17 24.92 -23.09
C MET A 73 23.44 25.02 -22.26
N ASN A 74 24.42 24.14 -22.50
CA ASN A 74 25.69 24.12 -21.77
C ASN A 74 25.45 24.11 -20.26
N ALA A 75 24.49 23.31 -19.83
CA ALA A 75 24.23 23.17 -18.40
C ALA A 75 25.43 22.56 -17.70
N LYS A 76 25.72 23.06 -16.50
CA LYS A 76 26.83 22.54 -15.71
C LYS A 76 26.51 22.37 -14.23
N ARG A 77 25.48 23.02 -13.70
CA ARG A 77 25.02 22.81 -12.34
C ARG A 77 23.52 22.55 -12.39
N THR A 78 23.12 21.33 -12.07
CA THR A 78 21.74 20.90 -12.18
C THR A 78 21.24 20.36 -10.85
N ILE A 79 19.93 20.11 -10.80
CA ILE A 79 19.28 19.51 -9.64
C ILE A 79 18.20 18.57 -10.15
N GLU A 80 18.06 17.41 -9.50
CA GLU A 80 17.03 16.45 -9.88
C GLU A 80 16.22 16.04 -8.67
N ILE A 81 14.90 15.99 -8.84
CA ILE A 81 13.96 15.64 -7.79
C ILE A 81 13.26 14.36 -8.23
N GLY A 82 13.56 13.26 -7.53
CA GLY A 82 13.05 11.96 -7.91
C GLY A 82 14.05 11.18 -8.74
N VAL A 83 14.81 10.31 -8.08
CA VAL A 83 15.92 9.61 -8.71
C VAL A 83 15.58 8.17 -9.03
N TYR A 84 14.95 7.46 -8.09
CA TYR A 84 14.63 6.03 -8.22
C TYR A 84 15.94 5.27 -8.44
N THR A 85 16.07 4.47 -9.48
CA THR A 85 17.31 3.73 -9.70
C THR A 85 18.38 4.56 -10.40
N GLY A 86 18.05 5.77 -10.85
CA GLY A 86 19.03 6.73 -11.31
C GLY A 86 19.31 6.77 -12.80
N TYR A 87 18.33 6.41 -13.64
CA TYR A 87 18.56 6.48 -15.08
C TYR A 87 18.71 7.92 -15.55
N SER A 88 17.80 8.80 -15.13
CA SER A 88 17.91 10.20 -15.50
C SER A 88 19.07 10.88 -14.76
N LEU A 89 19.44 10.37 -13.59
CA LEU A 89 20.61 10.90 -12.89
C LEU A 89 21.90 10.54 -13.61
N LEU A 90 22.01 9.29 -14.08
CA LEU A 90 23.20 8.90 -14.84
C LEU A 90 23.23 9.58 -16.21
N THR A 91 22.07 9.75 -16.83
CA THR A 91 22.00 10.47 -18.10
C THR A 91 22.50 11.90 -17.93
N THR A 92 22.07 12.57 -16.86
CA THR A 92 22.51 13.93 -16.60
C THR A 92 24.01 13.98 -16.30
N ALA A 93 24.51 13.01 -15.52
CA ALA A 93 25.93 13.02 -15.16
C ALA A 93 26.81 12.80 -16.37
N LEU A 94 26.37 11.96 -17.32
CA LEU A 94 27.15 11.75 -18.54
C LEU A 94 27.08 12.94 -19.48
N ALA A 95 26.07 13.78 -19.35
CA ALA A 95 25.91 14.92 -20.25
C ALA A 95 26.67 16.14 -19.77
N LEU A 96 26.83 16.31 -18.47
CA LEU A 96 27.50 17.49 -17.93
C LEU A 96 29.00 17.41 -18.18
N PRO A 97 29.68 18.56 -18.16
CA PRO A 97 31.15 18.54 -18.27
C PRO A 97 31.81 17.83 -17.10
N GLU A 98 33.14 17.70 -17.15
CA GLU A 98 33.84 16.91 -16.14
C GLU A 98 33.66 17.51 -14.75
N ASP A 99 33.62 18.83 -14.63
CA ASP A 99 33.45 19.50 -13.35
C ASP A 99 31.99 19.90 -13.09
N GLY A 100 31.04 19.19 -13.71
CA GLY A 100 29.65 19.44 -13.42
C GLY A 100 29.24 18.90 -12.07
N LYS A 101 28.13 19.44 -11.55
CA LYS A 101 27.63 19.05 -10.24
C LYS A 101 26.12 18.86 -10.32
N ILE A 102 25.63 17.82 -9.65
CA ILE A 102 24.21 17.50 -9.60
C ILE A 102 23.80 17.36 -8.13
N THR A 103 22.66 17.95 -7.79
CA THR A 103 22.05 17.76 -6.47
C THR A 103 20.86 16.83 -6.65
N ALA A 104 21.03 15.56 -6.26
CA ALA A 104 20.00 14.54 -6.40
C ALA A 104 19.24 14.39 -5.09
N ILE A 105 17.91 14.32 -5.19
CA ILE A 105 17.04 14.25 -4.01
C ILE A 105 16.04 13.11 -4.21
N ASP A 106 16.00 12.18 -3.28
CA ASP A 106 15.01 11.11 -3.26
C ASP A 106 14.83 10.64 -1.83
N VAL A 107 13.60 10.25 -1.49
CA VAL A 107 13.32 9.78 -0.13
C VAL A 107 13.84 8.38 0.12
N ASN A 108 14.14 7.62 -0.93
CA ASN A 108 14.49 6.20 -0.81
C ASN A 108 15.85 5.99 -1.47
N LYS A 109 16.90 5.91 -0.65
CA LYS A 109 18.24 5.68 -1.20
C LYS A 109 18.44 4.24 -1.64
N SER A 110 17.65 3.30 -1.12
CA SER A 110 17.76 1.91 -1.54
C SER A 110 17.42 1.73 -3.02
N TYR A 111 16.65 2.65 -3.60
CA TYR A 111 16.51 2.68 -5.05
C TYR A 111 17.78 3.20 -5.71
N PHE A 112 18.39 4.21 -5.12
CA PHE A 112 19.58 4.83 -5.71
C PHE A 112 20.75 3.85 -5.75
N GLU A 113 20.86 2.98 -4.74
CA GLU A 113 21.96 2.02 -4.69
C GLU A 113 21.79 0.89 -5.69
N ILE A 114 20.63 0.79 -6.35
CA ILE A 114 20.48 -0.18 -7.42
C ILE A 114 21.23 0.25 -8.67
N GLY A 115 21.29 1.56 -8.93
CA GLY A 115 21.95 2.06 -10.11
C GLY A 115 23.34 2.61 -9.85
N LEU A 116 23.70 2.76 -8.58
CA LEU A 116 25.02 3.29 -8.23
C LEU A 116 26.17 2.48 -8.82
N PRO A 117 26.16 1.14 -8.84
CA PRO A 117 27.25 0.42 -9.51
C PRO A 117 27.42 0.81 -10.96
N PHE A 118 26.34 1.10 -11.68
CA PHE A 118 26.46 1.55 -13.06
C PHE A 118 26.94 2.98 -13.14
N ILE A 119 26.67 3.79 -12.11
CA ILE A 119 27.14 5.17 -12.11
C ILE A 119 28.65 5.21 -11.84
N GLN A 120 29.14 4.31 -11.00
CA GLN A 120 30.58 4.26 -10.71
C GLN A 120 31.35 3.72 -11.91
N LYS A 121 30.87 2.62 -12.50
CA LYS A 121 31.54 2.06 -13.67
C LYS A 121 31.48 2.99 -14.87
N ALA A 122 30.55 3.93 -14.89
CA ALA A 122 30.54 4.96 -15.91
C ALA A 122 31.51 6.09 -15.61
N GLY A 123 32.02 6.16 -14.39
CA GLY A 123 33.03 7.15 -14.03
C GLY A 123 32.52 8.56 -13.89
N VAL A 124 31.32 8.73 -13.32
CA VAL A 124 30.73 10.05 -13.18
C VAL A 124 30.02 10.18 -11.83
N GLU A 125 30.31 9.25 -10.91
CA GLU A 125 29.71 9.33 -9.58
C GLU A 125 30.17 10.57 -8.83
N HIS A 126 31.38 11.05 -9.13
CA HIS A 126 31.94 12.21 -8.44
C HIS A 126 31.10 13.47 -8.59
N LYS A 127 30.25 13.53 -9.62
CA LYS A 127 29.46 14.73 -9.88
C LYS A 127 28.19 14.82 -9.05
N ILE A 128 27.82 13.75 -8.34
CA ILE A 128 26.49 13.62 -7.75
C ILE A 128 26.58 13.83 -6.24
N ASN A 129 25.70 14.67 -5.71
CA ASN A 129 25.51 14.85 -4.27
C ASN A 129 24.10 14.38 -3.94
N PHE A 130 23.97 13.14 -3.46
CA PHE A 130 22.66 12.57 -3.17
C PHE A 130 22.18 13.02 -1.80
N ILE A 131 20.97 13.57 -1.74
CA ILE A 131 20.32 13.96 -0.50
C ILE A 131 19.13 13.03 -0.29
N GLU A 132 19.18 12.23 0.77
CA GLU A 132 18.10 11.31 1.10
C GLU A 132 17.12 12.04 2.01
N SER A 133 16.08 12.62 1.42
CA SER A 133 15.10 13.41 2.17
C SER A 133 13.91 13.67 1.26
N GLU A 134 12.81 14.12 1.87
CA GLU A 134 11.73 14.67 1.08
C GLU A 134 12.18 15.99 0.47
N ALA A 135 11.81 16.21 -0.79
CA ALA A 135 12.42 17.28 -1.56
C ALA A 135 12.01 18.65 -1.03
N LEU A 136 10.75 18.84 -0.69
CA LEU A 136 10.27 20.17 -0.34
C LEU A 136 10.95 20.76 0.89
N PRO A 137 11.22 20.01 1.97
CA PRO A 137 12.02 20.61 3.06
C PRO A 137 13.41 21.03 2.60
N VAL A 138 14.04 20.25 1.71
CA VAL A 138 15.37 20.60 1.24
C VAL A 138 15.31 21.85 0.36
N LEU A 139 14.30 21.94 -0.51
CA LEU A 139 14.15 23.12 -1.37
C LEU A 139 13.85 24.37 -0.55
N ASP A 140 13.12 24.24 0.56
CA ASP A 140 12.78 25.40 1.37
C ASP A 140 14.02 25.98 2.05
N GLN A 141 14.92 25.11 2.51
CA GLN A 141 16.18 25.60 3.08
C GLN A 141 17.06 26.23 2.01
N MET A 142 17.03 25.66 0.80
CA MET A 142 17.87 26.18 -0.28
C MET A 142 17.49 27.61 -0.64
N LEU A 143 16.20 27.94 -0.56
CA LEU A 143 15.76 29.29 -0.94
C LEU A 143 16.16 30.32 0.10
N GLN A 144 16.22 29.94 1.38
CA GLN A 144 16.61 30.90 2.41
C GLN A 144 18.11 31.16 2.37
N GLU A 145 18.91 30.13 2.14
CA GLU A 145 20.36 30.25 2.02
C GLU A 145 20.81 30.45 0.58
N MET A 146 19.98 31.06 -0.26
N MET A 146 19.98 31.04 -0.27
CA MET A 146 20.24 31.17 -1.68
CA MET A 146 20.26 31.09 -1.69
C MET A 146 21.14 32.35 -1.97
C MET A 146 21.10 32.32 -2.04
N LYS A 147 22.24 32.10 -2.68
CA LYS A 147 23.10 33.14 -3.19
C LYS A 147 23.05 33.12 -4.71
N GLU A 148 23.26 34.28 -5.32
CA GLU A 148 23.24 34.37 -6.78
C GLU A 148 24.25 33.42 -7.42
N GLU A 149 25.34 33.13 -6.72
CA GLU A 149 26.36 32.23 -7.25
C GLU A 149 25.83 30.80 -7.39
N ASP A 150 24.99 30.36 -6.46
CA ASP A 150 24.62 28.95 -6.34
C ASP A 150 23.37 28.58 -7.14
N LEU A 151 23.04 29.34 -8.18
CA LEU A 151 21.84 29.07 -8.95
C LEU A 151 22.07 27.87 -9.89
N TYR A 152 21.02 27.07 -10.05
CA TYR A 152 21.06 25.91 -10.92
C TYR A 152 20.74 26.30 -12.37
N ASP A 153 21.34 25.56 -13.30
CA ASP A 153 21.05 25.77 -14.71
C ASP A 153 19.81 24.99 -15.17
N PHE A 154 19.49 23.90 -14.47
CA PHE A 154 18.56 22.91 -14.99
C PHE A 154 17.97 22.14 -13.83
N ALA A 155 16.66 21.89 -13.91
CA ALA A 155 15.95 21.12 -12.89
C ALA A 155 15.06 20.09 -13.58
N PHE A 156 15.13 18.84 -13.11
CA PHE A 156 14.32 17.75 -13.63
C PHE A 156 13.42 17.25 -12.51
N VAL A 157 12.11 17.41 -12.67
CA VAL A 157 11.14 17.03 -11.66
C VAL A 157 10.50 15.71 -12.06
N ASP A 158 10.59 14.72 -11.18
CA ASP A 158 10.14 13.37 -11.51
C ASP A 158 9.85 12.58 -10.25
N ALA A 159 9.35 13.25 -9.21
CA ALA A 159 9.16 12.65 -7.89
C ALA A 159 7.66 12.44 -7.65
N ASP A 160 7.12 12.81 -6.49
CA ASP A 160 5.69 12.65 -6.25
C ASP A 160 4.92 13.69 -7.05
N LYS A 161 3.89 13.24 -7.75
CA LYS A 161 3.22 14.02 -8.77
C LYS A 161 2.37 15.16 -8.20
N PRO A 162 1.60 14.96 -7.12
CA PRO A 162 0.79 16.08 -6.59
C PRO A 162 1.61 17.25 -6.08
N ASN A 163 2.90 17.08 -5.80
CA ASN A 163 3.74 18.14 -5.27
C ASN A 163 4.42 18.96 -6.35
N TYR A 164 4.07 18.74 -7.63
CA TYR A 164 4.73 19.44 -8.71
C TYR A 164 4.51 20.96 -8.62
N ALA A 165 3.29 21.38 -8.30
CA ALA A 165 3.01 22.81 -8.21
C ALA A 165 3.80 23.45 -7.07
N ASN A 166 3.91 22.74 -5.93
CA ASN A 166 4.71 23.24 -4.82
C ASN A 166 6.18 23.28 -5.16
N TYR A 167 6.67 22.26 -5.87
CA TYR A 167 8.05 22.27 -6.34
C TYR A 167 8.30 23.42 -7.30
N HIS A 168 7.27 23.83 -8.06
CA HIS A 168 7.44 24.90 -9.04
C HIS A 168 7.74 26.24 -8.37
N GLU A 169 7.07 26.52 -7.24
CA GLU A 169 7.27 27.80 -6.57
C GLU A 169 8.70 27.97 -6.07
N ARG A 170 9.33 26.86 -5.67
CA ARG A 170 10.72 26.94 -5.21
C ARG A 170 11.69 27.00 -6.38
N LEU A 171 11.42 26.24 -7.44
CA LEU A 171 12.40 26.05 -8.50
C LEU A 171 12.53 27.26 -9.42
N VAL A 172 11.50 28.12 -9.53
CA VAL A 172 11.64 29.34 -10.32
C VAL A 172 12.40 30.41 -9.57
N LYS A 173 12.82 30.15 -8.34
CA LYS A 173 13.79 30.98 -7.64
C LYS A 173 15.15 30.32 -7.52
N LEU A 174 15.21 28.99 -7.51
CA LEU A 174 16.45 28.25 -7.35
C LEU A 174 17.15 27.98 -8.67
N VAL A 175 16.50 28.21 -9.80
CA VAL A 175 17.08 28.02 -11.13
C VAL A 175 17.32 29.40 -11.74
N ARG A 176 18.48 29.57 -12.36
CA ARG A 176 18.87 30.88 -12.89
C ARG A 176 17.92 31.33 -13.99
N VAL A 177 17.91 32.65 -14.23
CA VAL A 177 17.15 33.18 -15.35
C VAL A 177 17.73 32.65 -16.64
N GLY A 178 16.86 32.11 -17.49
CA GLY A 178 17.30 31.39 -18.66
C GLY A 178 17.56 29.92 -18.41
N GLY A 179 17.41 29.45 -17.18
CA GLY A 179 17.54 28.05 -16.88
C GLY A 179 16.28 27.28 -17.21
N ALA A 180 16.41 25.95 -17.22
CA ALA A 180 15.34 25.06 -17.63
C ALA A 180 14.80 24.28 -16.45
N ILE A 181 13.48 24.10 -16.42
CA ILE A 181 12.81 23.23 -15.46
C ILE A 181 11.94 22.28 -16.27
N VAL A 182 12.23 20.97 -16.17
CA VAL A 182 11.54 19.95 -16.94
C VAL A 182 10.70 19.11 -15.99
N TYR A 183 9.40 19.00 -16.27
CA TYR A 183 8.46 18.21 -15.47
C TYR A 183 8.07 16.97 -16.26
N ASP A 184 8.27 15.80 -15.67
CA ASP A 184 7.93 14.54 -16.30
C ASP A 184 6.49 14.16 -16.02
N ASN A 185 5.89 13.43 -16.96
CA ASN A 185 4.55 12.85 -16.82
C ASN A 185 3.43 13.89 -16.88
N THR A 186 3.65 15.02 -17.57
CA THR A 186 2.62 16.04 -17.61
C THR A 186 1.45 15.69 -18.53
N LEU A 187 1.48 14.53 -19.18
CA LEU A 187 0.34 14.04 -19.96
C LEU A 187 -0.34 12.85 -19.31
N TRP A 188 0.24 12.29 -18.24
CA TRP A 188 -0.33 11.22 -17.42
C TRP A 188 -1.19 10.22 -18.17
N PHE A 189 -0.55 9.40 -19.01
CA PHE A 189 -1.20 8.29 -19.72
C PHE A 189 -2.31 8.76 -20.66
N GLY A 190 -2.35 10.05 -20.99
CA GLY A 190 -3.40 10.60 -21.79
C GLY A 190 -4.68 10.91 -21.05
N THR A 191 -4.76 10.56 -19.76
CA THR A 191 -5.97 10.81 -18.97
C THR A 191 -6.17 12.29 -18.67
N VAL A 192 -5.23 13.16 -19.04
CA VAL A 192 -5.38 14.58 -18.78
C VAL A 192 -6.33 15.25 -19.77
N ALA A 193 -6.55 14.63 -20.93
CA ALA A 193 -7.40 15.22 -21.96
C ALA A 193 -8.88 15.13 -21.65
N PHE A 194 -9.27 14.58 -20.50
CA PHE A 194 -10.66 14.40 -20.15
C PHE A 194 -10.94 14.95 -18.76
N PRO A 195 -12.04 15.69 -18.59
CA PRO A 195 -12.40 16.14 -17.23
C PRO A 195 -12.64 15.01 -16.27
N GLU A 196 -13.14 13.87 -16.76
CA GLU A 196 -13.36 12.68 -15.95
C GLU A 196 -12.72 11.50 -16.66
N TYR A 197 -12.14 10.59 -15.88
CA TYR A 197 -11.54 9.36 -16.40
C TYR A 197 -11.86 8.23 -15.44
N PRO A 198 -12.87 7.42 -15.72
CA PRO A 198 -13.26 6.35 -14.79
C PRO A 198 -12.32 5.17 -14.84
N GLY A 199 -12.33 4.41 -13.75
CA GLY A 199 -11.55 3.19 -13.65
C GLY A 199 -10.15 3.36 -13.09
N LEU A 200 -9.87 4.49 -12.43
CA LEU A 200 -8.53 4.79 -11.95
C LEU A 200 -8.42 4.52 -10.45
N HIS A 201 -7.22 4.07 -10.05
CA HIS A 201 -6.90 4.00 -8.63
C HIS A 201 -6.97 5.41 -8.03
N PRO A 202 -7.36 5.52 -6.75
CA PRO A 202 -7.50 6.86 -6.14
C PRO A 202 -6.31 7.78 -6.32
N GLU A 203 -5.08 7.26 -6.22
CA GLU A 203 -3.92 8.14 -6.42
C GLU A 203 -3.57 8.31 -7.90
N GLU A 204 -3.95 7.36 -8.76
CA GLU A 204 -3.90 7.62 -10.19
C GLU A 204 -4.81 8.79 -10.55
N GLU A 205 -5.98 8.88 -9.92
CA GLU A 205 -6.90 9.96 -10.18
C GLU A 205 -6.43 11.27 -9.57
N GLU A 206 -5.78 11.20 -8.40
CA GLU A 206 -5.22 12.40 -7.81
C GLU A 206 -4.09 12.98 -8.67
N CYS A 207 -3.24 12.12 -9.22
CA CYS A 207 -2.19 12.62 -10.12
C CYS A 207 -2.77 13.18 -11.41
N ARG A 208 -3.87 12.61 -11.91
CA ARG A 208 -4.49 13.14 -13.12
C ARG A 208 -5.03 14.55 -12.88
N VAL A 209 -5.73 14.74 -11.76
CA VAL A 209 -6.29 16.06 -11.44
C VAL A 209 -5.18 17.06 -11.17
N SER A 210 -4.10 16.62 -10.51
N SER A 210 -4.10 16.62 -10.51
CA SER A 210 -3.01 17.53 -10.20
CA SER A 210 -2.99 17.51 -10.21
C SER A 210 -2.27 17.99 -11.46
C SER A 210 -2.30 17.99 -11.47
N PHE A 211 -2.19 17.12 -12.47
CA PHE A 211 -1.55 17.50 -13.72
C PHE A 211 -2.44 18.40 -14.57
N ARG A 212 -3.74 18.15 -14.56
CA ARG A 212 -4.66 19.04 -15.26
C ARG A 212 -4.60 20.44 -14.68
N ASN A 213 -4.44 20.56 -13.36
N ASN A 213 -4.44 20.56 -13.36
CA ASN A 213 -4.29 21.86 -12.74
CA ASN A 213 -4.31 21.86 -12.72
C ASN A 213 -2.91 22.44 -12.99
C ASN A 213 -2.91 22.45 -12.92
N LEU A 214 -1.88 21.60 -12.97
CA LEU A 214 -0.53 22.09 -13.19
C LEU A 214 -0.33 22.60 -14.61
N ASN A 215 -0.88 21.88 -15.60
CA ASN A 215 -0.72 22.31 -16.98
C ASN A 215 -1.45 23.62 -17.25
N LYS A 216 -2.56 23.88 -16.55
CA LYS A 216 -3.22 25.17 -16.67
C LYS A 216 -2.41 26.26 -15.97
N LEU A 217 -1.79 25.94 -14.83
CA LEU A 217 -0.99 26.91 -14.11
C LEU A 217 0.26 27.29 -14.88
N LEU A 218 0.96 26.29 -15.44
CA LEU A 218 2.19 26.56 -16.16
C LEU A 218 1.93 27.39 -17.41
N ALA A 219 0.83 27.11 -18.12
CA ALA A 219 0.51 27.84 -19.33
C ALA A 219 0.15 29.30 -19.06
N ALA A 220 -0.22 29.63 -17.82
CA ALA A 220 -0.59 31.00 -17.44
C ALA A 220 0.45 31.67 -16.56
N ASP A 221 1.56 31.01 -16.27
CA ASP A 221 2.60 31.57 -15.41
C ASP A 221 3.51 32.49 -16.22
N PRO A 222 3.50 33.80 -15.94
CA PRO A 222 4.36 34.72 -16.71
C PRO A 222 5.83 34.63 -16.33
N ARG A 223 6.17 34.00 -15.20
CA ARG A 223 7.57 33.86 -14.79
C ARG A 223 8.36 32.92 -15.68
N VAL A 224 7.69 32.13 -16.53
CA VAL A 224 8.36 31.13 -17.35
C VAL A 224 7.74 31.13 -18.75
N GLU A 225 8.50 30.60 -19.70
CA GLU A 225 7.98 30.16 -20.99
C GLU A 225 7.89 28.64 -20.96
N ILE A 226 6.83 28.10 -21.57
CA ILE A 226 6.58 26.67 -21.48
C ILE A 226 6.65 26.04 -22.86
N SER A 227 6.84 24.72 -22.86
CA SER A 227 6.78 23.92 -24.07
C SER A 227 6.44 22.50 -23.65
N GLN A 228 5.21 22.06 -23.95
CA GLN A 228 4.81 20.68 -23.67
C GLN A 228 5.20 19.80 -24.83
N VAL A 229 5.99 18.76 -24.56
CA VAL A 229 6.56 17.89 -25.58
C VAL A 229 5.96 16.50 -25.41
N SER A 230 5.39 15.98 -26.50
CA SER A 230 4.71 14.68 -26.48
C SER A 230 5.71 13.54 -26.70
N ILE A 231 6.70 13.47 -25.81
CA ILE A 231 7.71 12.42 -25.86
C ILE A 231 7.63 11.60 -24.59
N GLY A 232 7.73 10.28 -24.73
CA GLY A 232 7.66 9.40 -23.58
C GLY A 232 6.32 9.52 -22.90
N ALA A 233 6.34 9.70 -21.59
CA ALA A 233 5.14 9.93 -20.82
C ALA A 233 4.63 11.37 -20.93
N GLY A 234 5.25 12.17 -21.79
CA GLY A 234 4.91 13.58 -21.90
C GLY A 234 5.65 14.42 -20.87
N LEU A 235 6.29 15.50 -21.31
CA LEU A 235 7.01 16.38 -20.41
C LEU A 235 6.79 17.83 -20.82
N THR A 236 6.89 18.72 -19.84
CA THR A 236 6.77 20.16 -20.06
C THR A 236 8.10 20.82 -19.71
N ILE A 237 8.60 21.65 -20.64
CA ILE A 237 9.83 22.41 -20.45
C ILE A 237 9.46 23.83 -20.08
N CYS A 238 9.95 24.29 -18.93
CA CYS A 238 9.78 25.67 -18.49
C CYS A 238 11.13 26.37 -18.47
N ARG A 239 11.15 27.61 -18.96
CA ARG A 239 12.38 28.42 -19.01
C ARG A 239 12.12 29.71 -18.25
N ARG A 240 12.90 29.95 -17.20
CA ARG A 240 12.65 31.09 -16.33
C ARG A 240 12.95 32.40 -17.06
N LEU A 241 11.98 33.32 -17.02
CA LEU A 241 12.15 34.64 -17.63
C LEU A 241 12.65 35.69 -16.64
N TYR A 242 12.26 35.58 -15.38
CA TYR A 242 12.70 36.52 -14.35
C TYR A 242 12.50 35.91 -12.96
N GLY B 1 -5.75 3.14 6.57
CA GLY B 1 -5.29 1.77 6.53
C GLY B 1 -6.06 0.87 5.58
N PRO B 2 -7.29 0.51 5.95
CA PRO B 2 -8.10 -0.36 5.10
C PRO B 2 -8.62 0.36 3.86
N GLY B 3 -7.74 0.58 2.88
CA GLY B 3 -8.13 1.24 1.65
C GLY B 3 -6.96 1.76 0.85
N SER B 7 -0.33 -2.31 4.92
CA SER B 7 -1.12 -3.27 5.68
C SER B 7 -1.00 -3.05 7.18
N GLN B 8 -1.81 -3.78 7.95
CA GLN B 8 -1.68 -3.72 9.41
C GLN B 8 -0.39 -4.39 9.88
N ASP B 9 0.01 -5.47 9.21
CA ASP B 9 1.28 -6.09 9.51
C ASP B 9 2.44 -5.14 9.29
N ASP B 10 2.30 -4.21 8.33
CA ASP B 10 3.36 -3.26 8.01
C ASP B 10 3.48 -2.13 9.01
N TYR B 11 2.52 -2.00 9.94
CA TYR B 11 2.58 -0.92 10.92
C TYR B 11 3.57 -1.25 12.02
N ALA B 12 4.22 -0.21 12.54
CA ALA B 12 5.06 -0.34 13.73
C ALA B 12 4.26 -0.21 15.02
N LEU B 13 3.12 0.48 14.99
CA LEU B 13 2.29 0.65 16.16
C LEU B 13 1.24 -0.46 16.23
N ILE B 14 0.95 -0.92 17.44
CA ILE B 14 0.08 -2.09 17.63
C ILE B 14 -1.06 -1.76 18.58
N HIS B 15 -0.75 -1.06 19.67
CA HIS B 15 -1.71 -0.81 20.75
C HIS B 15 -2.11 0.66 20.72
N LYS B 16 -3.33 0.93 20.23
CA LYS B 16 -3.80 2.30 20.09
C LYS B 16 -4.41 2.86 21.37
N ASN B 17 -4.75 2.00 22.33
CA ASN B 17 -5.23 2.48 23.62
C ASN B 17 -4.11 3.20 24.35
N ILE B 18 -4.42 4.37 24.90
CA ILE B 18 -3.40 5.31 25.37
C ILE B 18 -3.21 5.22 26.88
N LEU B 19 -3.65 4.14 27.51
CA LEU B 19 -3.55 4.04 28.96
C LEU B 19 -2.21 3.45 29.38
N HIS B 20 -1.84 3.72 30.63
CA HIS B 20 -0.57 3.24 31.14
C HIS B 20 -0.58 1.73 31.34
N SER B 21 -1.69 1.19 31.81
CA SER B 21 -1.78 -0.21 32.20
C SER B 21 -2.67 -0.97 31.23
N GLU B 22 -2.18 -2.11 30.74
CA GLU B 22 -3.03 -3.03 29.99
C GLU B 22 -3.98 -3.77 30.92
N ASP B 23 -3.64 -3.89 32.20
CA ASP B 23 -4.54 -4.52 33.17
C ASP B 23 -5.71 -3.61 33.50
N LEU B 24 -5.50 -2.29 33.50
CA LEU B 24 -6.60 -1.36 33.73
C LEU B 24 -7.57 -1.37 32.56
N LEU B 25 -7.06 -1.45 31.34
CA LEU B 25 -7.93 -1.55 30.17
C LEU B 25 -8.78 -2.82 30.23
N LYS B 26 -8.15 -3.95 30.59
CA LYS B 26 -8.89 -5.20 30.71
C LYS B 26 -9.97 -5.08 31.77
N TYR B 27 -9.68 -4.39 32.87
CA TYR B 27 -10.68 -4.20 33.92
C TYR B 27 -11.87 -3.41 33.40
N ILE B 28 -11.60 -2.31 32.68
CA ILE B 28 -12.68 -1.48 32.16
C ILE B 28 -13.60 -2.29 31.25
N LEU B 29 -13.01 -3.12 30.39
CA LEU B 29 -13.82 -3.86 29.43
C LEU B 29 -14.64 -4.95 30.10
N GLU B 30 -14.03 -5.71 31.01
CA GLU B 30 -14.74 -6.81 31.64
C GLU B 30 -15.72 -6.33 32.71
N THR B 31 -15.48 -5.16 33.30
CA THR B 31 -16.35 -4.67 34.36
C THR B 31 -17.49 -3.81 33.83
N SER B 32 -17.21 -2.88 32.91
CA SER B 32 -18.16 -1.85 32.53
C SER B 32 -18.58 -1.88 31.07
N VAL B 33 -17.98 -2.71 30.24
CA VAL B 33 -18.26 -2.69 28.81
C VAL B 33 -18.89 -4.01 28.36
N TYR B 34 -18.18 -5.10 28.60
CA TYR B 34 -18.68 -6.40 28.14
C TYR B 34 -20.00 -6.81 28.79
N PRO B 35 -20.23 -6.60 30.10
CA PRO B 35 -21.57 -6.88 30.64
C PRO B 35 -22.66 -6.00 30.06
N ARG B 36 -22.30 -4.88 29.43
CA ARG B 36 -23.26 -3.95 28.83
C ARG B 36 -23.23 -3.99 27.31
N GLU B 37 -22.54 -4.96 26.72
CA GLU B 37 -22.40 -5.05 25.27
C GLU B 37 -23.56 -5.85 24.69
N HIS B 38 -24.21 -5.29 23.67
CA HIS B 38 -25.24 -6.02 22.95
C HIS B 38 -24.64 -7.27 22.32
N GLU B 39 -25.39 -8.38 22.40
CA GLU B 39 -24.85 -9.66 21.94
C GLU B 39 -24.48 -9.63 20.46
N GLN B 40 -25.25 -8.92 19.65
CA GLN B 40 -24.87 -8.77 18.25
C GLN B 40 -23.61 -7.93 18.11
N LEU B 41 -23.42 -6.94 19.00
CA LEU B 41 -22.17 -6.19 18.99
C LEU B 41 -20.99 -7.08 19.37
N LYS B 42 -21.21 -8.03 20.28
CA LYS B 42 -20.16 -8.94 20.71
C LYS B 42 -19.79 -9.93 19.61
N GLY B 43 -20.81 -10.53 19.00
CA GLY B 43 -20.55 -11.41 17.88
C GLY B 43 -19.90 -10.70 16.71
N LEU B 44 -20.29 -9.45 16.46
CA LEU B 44 -19.63 -8.65 15.44
C LEU B 44 -18.17 -8.38 15.82
N ARG B 45 -17.92 -8.12 17.10
CA ARG B 45 -16.58 -7.80 17.55
C ARG B 45 -15.64 -8.99 17.42
N GLU B 46 -16.08 -10.16 17.89
CA GLU B 46 -15.23 -11.35 17.84
C GLU B 46 -14.91 -11.76 16.41
N VAL B 47 -15.82 -11.50 15.47
CA VAL B 47 -15.53 -11.77 14.07
C VAL B 47 -14.50 -10.79 13.55
N THR B 48 -14.69 -9.50 13.85
CA THR B 48 -13.78 -8.47 13.35
C THR B 48 -12.42 -8.54 14.02
N GLU B 49 -12.35 -9.03 15.26
CA GLU B 49 -11.07 -9.23 15.93
C GLU B 49 -10.19 -10.23 15.20
N LYS B 50 -10.73 -11.01 14.28
CA LYS B 50 -9.95 -11.94 13.48
C LYS B 50 -9.77 -11.49 12.04
N HIS B 51 -10.29 -10.31 11.68
CA HIS B 51 -10.12 -9.76 10.34
C HIS B 51 -8.70 -9.21 10.17
N GLU B 52 -8.34 -8.94 8.92
CA GLU B 52 -6.99 -8.48 8.60
C GLU B 52 -6.73 -7.06 9.07
N TRP B 53 -7.77 -6.26 9.28
CA TRP B 53 -7.64 -4.89 9.74
C TRP B 53 -8.29 -4.69 11.10
N SER B 54 -8.08 -5.65 12.01
CA SER B 54 -8.74 -5.63 13.31
C SER B 54 -8.34 -4.43 14.16
N MET B 55 -7.18 -3.82 13.88
CA MET B 55 -6.75 -2.67 14.67
C MET B 55 -7.65 -1.46 14.43
N ALA B 56 -8.27 -1.37 13.25
CA ALA B 56 -9.15 -0.25 12.96
C ALA B 56 -10.50 -0.37 13.66
N LEU B 57 -10.83 -1.54 14.20
CA LEU B 57 -12.07 -1.71 14.94
C LEU B 57 -12.15 -0.71 16.09
N VAL B 58 -13.28 -0.03 16.21
CA VAL B 58 -13.44 0.97 17.26
C VAL B 58 -13.37 0.27 18.62
N ALA B 59 -12.81 0.98 19.60
CA ALA B 59 -12.67 0.43 20.94
C ALA B 59 -14.05 0.23 21.57
N ALA B 60 -14.21 -0.90 22.26
CA ALA B 60 -15.52 -1.26 22.81
C ALA B 60 -15.99 -0.24 23.83
N ASP B 61 -15.08 0.28 24.65
CA ASP B 61 -15.48 1.31 25.61
C ASP B 61 -15.79 2.63 24.92
N GLU B 62 -15.17 2.88 23.78
CA GLU B 62 -15.54 4.05 22.99
C GLU B 62 -16.96 3.94 22.48
N GLY B 63 -17.35 2.75 22.01
CA GLY B 63 -18.69 2.57 21.48
C GLY B 63 -19.77 2.81 22.51
N LEU B 64 -19.58 2.25 23.72
CA LEU B 64 -20.52 2.51 24.80
C LEU B 64 -20.60 3.99 25.14
N PHE B 65 -19.52 4.73 24.88
CA PHE B 65 -19.51 6.16 25.17
C PHE B 65 -20.26 6.94 24.10
N LEU B 66 -20.06 6.60 22.82
CA LEU B 66 -20.85 7.21 21.76
C LEU B 66 -22.33 6.90 21.93
N SER B 67 -22.65 5.66 22.31
CA SER B 67 -24.04 5.32 22.60
C SER B 67 -24.60 6.24 23.68
N MET B 68 -23.86 6.45 24.77
CA MET B 68 -24.33 7.36 25.82
C MET B 68 -24.49 8.78 25.29
N LEU B 69 -23.60 9.20 24.38
N LEU B 69 -23.61 9.20 24.38
CA LEU B 69 -23.70 10.55 23.84
CA LEU B 69 -23.69 10.54 23.82
C LEU B 69 -24.96 10.72 22.99
C LEU B 69 -24.96 10.72 23.00
N LEU B 70 -25.28 9.73 22.15
CA LEU B 70 -26.45 9.84 21.29
C LEU B 70 -27.73 9.98 22.11
N LYS B 71 -27.86 9.20 23.17
CA LYS B 71 -29.10 9.20 23.95
C LYS B 71 -29.23 10.46 24.80
N LEU B 72 -28.13 10.91 25.41
CA LEU B 72 -28.19 12.08 26.27
C LEU B 72 -28.56 13.34 25.49
N MET B 73 -28.05 13.47 24.26
CA MET B 73 -28.45 14.57 23.39
C MET B 73 -29.67 14.23 22.55
N ASN B 74 -30.26 13.05 22.75
CA ASN B 74 -31.43 12.58 22.02
C ASN B 74 -31.26 12.77 20.52
N ALA B 75 -30.22 12.16 19.99
CA ALA B 75 -29.95 12.23 18.56
C ALA B 75 -30.96 11.39 17.78
N LYS B 76 -31.28 11.85 16.57
CA LYS B 76 -32.21 11.13 15.72
C LYS B 76 -31.67 11.01 14.30
N ARG B 77 -30.92 12.03 13.86
CA ARG B 77 -30.40 12.10 12.49
C ARG B 77 -28.89 12.19 12.57
N THR B 78 -28.20 11.09 12.28
CA THR B 78 -26.76 11.00 12.41
C THR B 78 -26.15 10.59 11.07
N ILE B 79 -24.82 10.77 10.99
CA ILE B 79 -24.04 10.38 9.82
C ILE B 79 -22.73 9.78 10.31
N GLU B 80 -22.37 8.62 9.76
CA GLU B 80 -21.13 7.94 10.10
C GLU B 80 -20.22 7.90 8.88
N ILE B 81 -18.99 8.36 9.05
CA ILE B 81 -17.98 8.38 7.99
C ILE B 81 -16.91 7.36 8.36
N GLY B 82 -16.77 6.32 7.55
CA GLY B 82 -15.87 5.22 7.85
C GLY B 82 -16.56 4.15 8.65
N VAL B 83 -17.00 3.09 7.98
CA VAL B 83 -17.87 2.08 8.57
C VAL B 83 -17.11 0.83 8.98
N TYR B 84 -16.24 0.33 8.08
CA TYR B 84 -15.52 -0.94 8.27
C TYR B 84 -16.57 -2.04 8.42
N THR B 85 -16.55 -2.83 9.48
CA THR B 85 -17.55 -3.87 9.67
C THR B 85 -18.79 -3.40 10.41
N GLY B 86 -18.78 -2.16 10.91
CA GLY B 86 -19.98 -1.56 11.45
C GLY B 86 -20.22 -1.70 12.93
N TYR B 87 -19.16 -1.76 13.75
CA TYR B 87 -19.37 -1.79 15.19
C TYR B 87 -19.90 -0.46 15.69
N SER B 88 -19.28 0.64 15.27
CA SER B 88 -19.79 1.96 15.62
C SER B 88 -21.14 2.22 14.99
N LEU B 89 -21.37 1.70 13.78
CA LEU B 89 -22.66 1.88 13.12
C LEU B 89 -23.76 1.14 13.87
N LEU B 90 -23.51 -0.13 14.22
CA LEU B 90 -24.50 -0.89 14.98
C LEU B 90 -24.73 -0.28 16.36
N THR B 91 -23.68 0.27 16.97
CA THR B 91 -23.85 0.96 18.24
C THR B 91 -24.75 2.19 18.09
N THR B 92 -24.59 2.92 16.98
CA THR B 92 -25.44 4.08 16.74
C THR B 92 -26.87 3.66 16.48
N ALA B 93 -27.07 2.64 15.65
CA ALA B 93 -28.42 2.20 15.31
C ALA B 93 -29.16 1.64 16.52
N LEU B 94 -28.43 1.08 17.49
CA LEU B 94 -29.06 0.59 18.71
C LEU B 94 -29.42 1.70 19.68
N ALA B 95 -28.81 2.87 19.55
CA ALA B 95 -29.06 3.97 20.48
C ALA B 95 -30.09 4.95 19.95
N LEU B 96 -30.24 5.05 18.63
CA LEU B 96 -31.20 5.96 18.05
C LEU B 96 -32.63 5.45 18.29
N PRO B 97 -33.61 6.35 18.28
CA PRO B 97 -35.00 5.90 18.44
C PRO B 97 -35.44 5.02 17.27
N GLU B 98 -36.63 4.45 17.42
CA GLU B 98 -37.15 3.52 16.42
C GLU B 98 -37.25 4.16 15.04
N ASP B 99 -37.43 5.48 14.99
CA ASP B 99 -37.55 6.22 13.74
C ASP B 99 -36.25 6.92 13.35
N GLY B 100 -35.10 6.45 13.84
CA GLY B 100 -33.84 7.09 13.53
C GLY B 100 -33.32 6.72 12.15
N LYS B 101 -32.49 7.60 11.60
CA LYS B 101 -31.91 7.42 10.28
C LYS B 101 -30.42 7.75 10.33
N ILE B 102 -29.61 6.86 9.75
CA ILE B 102 -28.16 7.01 9.72
C ILE B 102 -27.70 7.03 8.27
N THR B 103 -26.85 7.99 7.92
CA THR B 103 -26.17 8.01 6.63
C THR B 103 -24.77 7.43 6.83
N ALA B 104 -24.54 6.25 6.29
CA ALA B 104 -23.26 5.55 6.41
C ALA B 104 -22.51 5.65 5.09
N ILE B 105 -21.23 6.02 5.16
CA ILE B 105 -20.38 6.17 3.99
C ILE B 105 -19.07 5.43 4.24
N ASP B 106 -18.71 4.57 3.29
CA ASP B 106 -17.43 3.85 3.35
C ASP B 106 -17.09 3.40 1.94
N VAL B 107 -15.82 3.55 1.56
CA VAL B 107 -15.37 3.15 0.22
C VAL B 107 -15.43 1.65 0.01
N ASN B 108 -15.64 0.87 1.06
CA ASN B 108 -15.57 -0.60 0.98
C ASN B 108 -16.87 -1.20 1.52
N LYS B 109 -17.74 -1.61 0.61
CA LYS B 109 -18.98 -2.28 1.00
C LYS B 109 -18.72 -3.69 1.50
N SER B 110 -17.61 -4.31 1.07
N SER B 110 -17.61 -4.31 1.08
CA SER B 110 -17.31 -5.68 1.49
CA SER B 110 -17.32 -5.68 1.50
C SER B 110 -17.00 -5.76 2.98
C SER B 110 -16.98 -5.77 2.98
N TYR B 111 -16.39 -4.72 3.55
CA TYR B 111 -16.20 -4.70 5.00
C TYR B 111 -17.53 -4.60 5.72
N PHE B 112 -18.49 -3.89 5.13
CA PHE B 112 -19.78 -3.67 5.77
C PHE B 112 -20.60 -4.95 5.86
N GLU B 113 -20.48 -5.84 4.86
CA GLU B 113 -21.26 -7.06 4.86
C GLU B 113 -20.76 -8.10 5.85
N ILE B 114 -19.59 -7.86 6.47
CA ILE B 114 -19.12 -8.77 7.51
C ILE B 114 -20.01 -8.66 8.74
N GLY B 115 -20.43 -7.44 9.09
CA GLY B 115 -21.23 -7.22 10.28
C GLY B 115 -22.70 -7.00 10.02
N LEU B 116 -23.08 -6.91 8.74
CA LEU B 116 -24.50 -6.74 8.41
C LEU B 116 -25.40 -7.84 8.98
N PRO B 117 -25.01 -9.13 8.95
CA PRO B 117 -25.85 -10.14 9.63
C PRO B 117 -26.14 -9.82 11.08
N PHE B 118 -25.15 -9.30 11.81
CA PHE B 118 -25.39 -8.90 13.20
C PHE B 118 -26.26 -7.65 13.26
N ILE B 119 -26.16 -6.78 12.27
CA ILE B 119 -27.01 -5.59 12.23
C ILE B 119 -28.47 -5.99 11.99
N GLN B 120 -28.70 -7.05 11.21
CA GLN B 120 -30.07 -7.48 10.93
C GLN B 120 -30.66 -8.27 12.09
N LYS B 121 -29.88 -9.19 12.68
CA LYS B 121 -30.38 -9.93 13.84
C LYS B 121 -30.68 -9.01 15.01
N ALA B 122 -29.90 -7.93 15.15
CA ALA B 122 -30.25 -6.90 16.13
C ALA B 122 -31.52 -6.16 15.76
N GLY B 123 -31.88 -6.14 14.48
CA GLY B 123 -33.13 -5.53 14.05
C GLY B 123 -33.09 -4.03 13.90
N VAL B 124 -31.99 -3.47 13.39
CA VAL B 124 -31.87 -2.02 13.25
C VAL B 124 -31.27 -1.70 11.89
N GLU B 125 -31.35 -2.64 10.95
CA GLU B 125 -30.87 -2.39 9.59
C GLU B 125 -31.71 -1.32 8.90
N HIS B 126 -32.98 -1.19 9.27
CA HIS B 126 -33.88 -0.26 8.59
C HIS B 126 -33.48 1.20 8.81
N LYS B 127 -32.66 1.48 9.82
CA LYS B 127 -32.24 2.85 10.09
C LYS B 127 -31.05 3.29 9.24
N ILE B 128 -30.39 2.37 8.55
CA ILE B 128 -29.08 2.60 7.96
C ILE B 128 -29.23 2.76 6.45
N ASN B 129 -28.73 3.88 5.92
CA ASN B 129 -28.60 4.11 4.49
C ASN B 129 -27.12 4.09 4.15
N PHE B 130 -26.65 2.96 3.65
CA PHE B 130 -25.23 2.78 3.35
C PHE B 130 -24.91 3.32 1.96
N ILE B 131 -23.82 4.08 1.87
CA ILE B 131 -23.32 4.62 0.61
C ILE B 131 -21.88 4.14 0.44
N GLU B 132 -21.62 3.46 -0.68
CA GLU B 132 -20.28 2.98 -0.99
C GLU B 132 -19.60 4.01 -1.88
N SER B 133 -18.79 4.88 -1.27
CA SER B 133 -18.12 5.95 -2.00
C SER B 133 -17.07 6.57 -1.09
N GLU B 134 -16.21 7.38 -1.69
CA GLU B 134 -15.37 8.27 -0.89
C GLU B 134 -16.25 9.33 -0.26
N ALA B 135 -15.96 9.65 1.01
CA ALA B 135 -16.88 10.49 1.77
C ALA B 135 -16.90 11.94 1.27
N LEU B 136 -15.76 12.43 0.78
CA LEU B 136 -15.68 13.84 0.41
C LEU B 136 -16.64 14.23 -0.70
N PRO B 137 -16.80 13.46 -1.79
CA PRO B 137 -17.83 13.85 -2.79
C PRO B 137 -19.24 13.76 -2.26
N VAL B 138 -19.56 12.73 -1.45
CA VAL B 138 -20.89 12.62 -0.88
C VAL B 138 -21.20 13.84 -0.03
N LEU B 139 -20.24 14.29 0.77
CA LEU B 139 -20.44 15.48 1.59
C LEU B 139 -20.62 16.73 0.74
N ASP B 140 -19.96 16.78 -0.42
CA ASP B 140 -20.05 17.96 -1.28
C ASP B 140 -21.44 18.10 -1.87
N GLN B 141 -22.02 17.01 -2.37
CA GLN B 141 -23.36 17.06 -2.94
C GLN B 141 -24.43 17.24 -1.88
N MET B 142 -24.13 16.89 -0.62
CA MET B 142 -25.06 17.18 0.46
C MET B 142 -25.05 18.66 0.82
N LEU B 143 -23.90 19.32 0.71
CA LEU B 143 -23.88 20.78 0.77
C LEU B 143 -24.69 21.40 -0.37
N GLN B 144 -24.94 20.64 -1.44
CA GLN B 144 -25.65 21.13 -2.60
C GLN B 144 -27.16 20.92 -2.49
N GLU B 145 -27.61 20.04 -1.59
CA GLU B 145 -28.98 19.56 -1.67
C GLU B 145 -29.52 19.23 -0.27
N MET B 146 -29.21 20.06 0.72
CA MET B 146 -29.71 19.86 2.07
C MET B 146 -30.27 21.15 2.63
N LYS B 147 -31.42 21.04 3.29
CA LYS B 147 -32.05 22.16 3.99
C LYS B 147 -31.85 21.99 5.50
N GLU B 148 -32.12 23.06 6.23
CA GLU B 148 -31.83 23.09 7.66
C GLU B 148 -32.73 22.14 8.46
N GLU B 149 -33.84 21.67 7.89
CA GLU B 149 -34.66 20.68 8.56
C GLU B 149 -34.15 19.25 8.37
N ASP B 150 -33.07 19.07 7.61
CA ASP B 150 -32.46 17.77 7.41
C ASP B 150 -31.02 17.70 7.93
N LEU B 151 -30.51 18.77 8.52
CA LEU B 151 -29.14 18.75 9.01
C LEU B 151 -29.00 17.77 10.17
N TYR B 152 -27.83 17.13 10.23
CA TYR B 152 -27.64 16.02 11.15
C TYR B 152 -27.49 16.50 12.59
N ASP B 153 -27.77 15.59 13.52
CA ASP B 153 -27.54 15.83 14.94
C ASP B 153 -26.16 15.39 15.40
N PHE B 154 -25.56 14.42 14.70
CA PHE B 154 -24.39 13.73 15.20
C PHE B 154 -23.57 13.21 14.01
N ALA B 155 -22.26 13.45 14.06
CA ALA B 155 -21.37 13.02 13.00
C ALA B 155 -20.17 12.31 13.62
N PHE B 156 -19.96 11.06 13.21
CA PHE B 156 -18.82 10.26 13.67
C PHE B 156 -17.83 10.11 12.52
N VAL B 157 -16.62 10.62 12.72
CA VAL B 157 -15.57 10.58 11.71
C VAL B 157 -14.53 9.57 12.17
N ASP B 158 -14.40 8.50 11.39
CA ASP B 158 -13.44 7.44 11.68
C ASP B 158 -12.95 6.83 10.37
N ALA B 159 -12.76 7.66 9.34
CA ALA B 159 -12.31 7.18 8.05
C ALA B 159 -10.81 7.33 7.83
N ASP B 160 -10.46 7.86 6.67
CA ASP B 160 -9.07 8.13 6.37
C ASP B 160 -8.64 9.38 7.12
N LYS B 161 -7.60 9.23 7.91
CA LYS B 161 -7.20 10.20 8.91
C LYS B 161 -6.71 11.52 8.33
N PRO B 162 -5.91 11.54 7.26
CA PRO B 162 -5.44 12.84 6.73
C PRO B 162 -6.56 13.72 6.18
N ASN B 163 -7.75 13.17 5.93
CA ASN B 163 -8.86 13.92 5.39
C ASN B 163 -9.76 14.52 6.47
N TYR B 164 -9.34 14.46 7.75
CA TYR B 164 -10.20 14.92 8.83
C TYR B 164 -10.47 16.42 8.74
N ALA B 165 -9.44 17.21 8.41
CA ALA B 165 -9.62 18.65 8.30
C ALA B 165 -10.56 19.01 7.16
N ASN B 166 -10.50 18.26 6.06
CA ASN B 166 -11.41 18.50 4.95
C ASN B 166 -12.83 18.11 5.31
N TYR B 167 -13.00 16.95 5.96
CA TYR B 167 -14.32 16.55 6.43
C TYR B 167 -14.88 17.58 7.41
N HIS B 168 -14.01 18.21 8.21
CA HIS B 168 -14.47 19.16 9.22
C HIS B 168 -15.17 20.34 8.56
N GLU B 169 -14.53 20.96 7.56
CA GLU B 169 -15.11 22.13 6.91
C GLU B 169 -16.41 21.79 6.18
N ARG B 170 -16.66 20.51 5.90
CA ARG B 170 -17.94 20.12 5.32
C ARG B 170 -18.99 19.91 6.41
N LEU B 171 -18.63 19.24 7.51
CA LEU B 171 -19.60 18.87 8.52
C LEU B 171 -20.01 20.02 9.42
N VAL B 172 -19.20 21.09 9.50
CA VAL B 172 -19.63 22.27 10.24
C VAL B 172 -20.79 22.98 9.58
N LYS B 173 -21.18 22.55 8.38
CA LYS B 173 -22.33 23.09 7.67
C LYS B 173 -23.42 22.05 7.44
N LEU B 174 -23.25 20.83 7.94
CA LEU B 174 -24.24 19.78 7.82
C LEU B 174 -24.74 19.24 9.16
N VAL B 175 -24.00 19.47 10.23
CA VAL B 175 -24.47 19.17 11.58
C VAL B 175 -25.21 20.39 12.10
N ARG B 176 -26.39 20.15 12.69
CA ARG B 176 -27.20 21.26 13.19
C ARG B 176 -26.46 22.04 14.27
N VAL B 177 -26.90 23.28 14.48
CA VAL B 177 -26.34 24.09 15.57
C VAL B 177 -26.64 23.40 16.89
N GLY B 178 -25.59 23.15 17.67
CA GLY B 178 -25.71 22.37 18.88
C GLY B 178 -25.51 20.89 18.70
N GLY B 179 -25.30 20.43 17.47
CA GLY B 179 -25.00 19.03 17.23
C GLY B 179 -23.53 18.71 17.40
N ALA B 180 -23.23 17.42 17.42
CA ALA B 180 -21.91 16.94 17.77
C ALA B 180 -21.16 16.40 16.55
N ILE B 181 -19.85 16.62 16.52
CA ILE B 181 -18.93 15.99 15.59
C ILE B 181 -17.83 15.34 16.41
N VAL B 182 -17.70 14.01 16.31
CA VAL B 182 -16.74 13.25 17.10
C VAL B 182 -15.70 12.68 16.15
N TYR B 183 -14.43 12.98 16.41
CA TYR B 183 -13.31 12.53 15.59
C TYR B 183 -12.53 11.46 16.35
N ASP B 184 -12.44 10.26 15.77
CA ASP B 184 -11.72 9.18 16.41
C ASP B 184 -10.23 9.26 16.11
N ASN B 185 -9.43 8.73 17.05
CA ASN B 185 -7.98 8.54 16.91
C ASN B 185 -7.19 9.84 17.02
N THR B 186 -7.73 10.88 17.65
CA THR B 186 -7.02 12.15 17.71
C THR B 186 -5.77 12.12 18.58
N LEU B 187 -5.52 11.02 19.29
CA LEU B 187 -4.31 10.87 20.07
C LEU B 187 -3.27 9.99 19.38
N TRP B 188 -3.65 9.30 18.31
CA TRP B 188 -2.78 8.49 17.46
C TRP B 188 -1.67 7.78 18.22
N PHE B 189 -2.02 6.79 19.02
CA PHE B 189 -1.06 5.93 19.71
C PHE B 189 -0.15 6.71 20.67
N GLY B 190 -0.53 7.93 21.02
CA GLY B 190 0.29 8.78 21.84
C GLY B 190 1.40 9.50 21.09
N THR B 191 1.57 9.23 19.80
CA THR B 191 2.65 9.82 19.02
C THR B 191 2.43 11.29 18.71
N VAL B 192 1.23 11.83 18.96
CA VAL B 192 0.97 13.24 18.67
C VAL B 192 1.63 14.17 19.68
N ALA B 193 2.08 13.66 20.83
CA ALA B 193 2.70 14.47 21.86
C ALA B 193 4.18 14.73 21.61
N PHE B 194 4.67 14.48 20.39
CA PHE B 194 6.07 14.66 20.07
C PHE B 194 6.21 15.30 18.70
N PRO B 195 7.14 16.26 18.54
CA PRO B 195 7.35 16.85 17.22
C PRO B 195 7.79 15.84 16.17
N GLU B 196 8.66 14.91 16.55
CA GLU B 196 9.10 13.83 15.67
C GLU B 196 9.03 12.51 16.42
N TYR B 197 8.73 11.44 15.68
CA TYR B 197 8.55 10.11 16.27
C TYR B 197 9.13 9.08 15.31
N PRO B 198 10.39 8.69 15.50
CA PRO B 198 11.02 7.75 14.57
C PRO B 198 10.44 6.35 14.65
N GLY B 199 10.68 5.58 13.60
CA GLY B 199 10.28 4.19 13.54
C GLY B 199 8.93 3.92 12.92
N LEU B 200 8.27 4.93 12.36
CA LEU B 200 6.92 4.79 11.85
C LEU B 200 6.92 4.50 10.35
N HIS B 201 5.88 3.79 9.92
CA HIS B 201 5.58 3.69 8.49
C HIS B 201 5.24 5.08 7.95
N PRO B 202 5.51 5.34 6.68
CA PRO B 202 5.13 6.65 6.12
C PRO B 202 3.66 6.98 6.27
N GLU B 203 2.79 5.98 6.30
CA GLU B 203 1.36 6.24 6.48
C GLU B 203 1.02 6.54 7.95
N GLU B 204 1.71 5.91 8.89
CA GLU B 204 1.52 6.24 10.29
C GLU B 204 2.03 7.65 10.59
N GLU B 205 3.16 8.03 9.99
CA GLU B 205 3.72 9.36 10.23
C GLU B 205 2.84 10.44 9.65
N GLU B 206 2.26 10.21 8.47
CA GLU B 206 1.41 11.22 7.85
C GLU B 206 0.17 11.50 8.69
N CYS B 207 -0.40 10.45 9.29
CA CYS B 207 -1.56 10.63 10.16
C CYS B 207 -1.18 11.25 11.49
N ARG B 208 0.07 11.05 11.93
CA ARG B 208 0.53 11.69 13.15
C ARG B 208 0.69 13.19 12.95
N VAL B 209 1.22 13.60 11.80
CA VAL B 209 1.43 15.02 11.53
C VAL B 209 0.09 15.71 11.29
N SER B 210 -0.83 15.03 10.58
CA SER B 210 -2.13 15.63 10.31
C SER B 210 -2.96 15.78 11.58
N PHE B 211 -2.76 14.90 12.57
CA PHE B 211 -3.50 15.00 13.81
C PHE B 211 -2.99 16.11 14.70
N ARG B 212 -1.66 16.29 14.77
CA ARG B 212 -1.12 17.46 15.45
C ARG B 212 -1.65 18.73 14.82
N ASN B 213 -1.83 18.75 13.51
N ASN B 213 -1.82 18.74 13.50
CA ASN B 213 -2.37 19.92 12.84
CA ASN B 213 -2.37 19.90 12.82
C ASN B 213 -3.89 20.01 12.98
C ASN B 213 -3.88 20.02 13.03
N LEU B 214 -4.56 18.89 13.20
CA LEU B 214 -6.02 18.93 13.42
C LEU B 214 -6.36 19.36 14.83
N ASN B 215 -5.65 18.82 15.82
CA ASN B 215 -5.89 19.21 17.20
C ASN B 215 -5.65 20.70 17.42
N LYS B 216 -4.64 21.26 16.76
CA LYS B 216 -4.43 22.70 16.82
C LYS B 216 -5.55 23.45 16.10
N LEU B 217 -6.10 22.87 15.04
CA LEU B 217 -7.14 23.55 14.26
C LEU B 217 -8.47 23.57 15.00
N LEU B 218 -8.84 22.46 15.64
CA LEU B 218 -10.10 22.41 16.36
C LEU B 218 -10.06 23.26 17.61
N ALA B 219 -8.89 23.40 18.24
CA ALA B 219 -8.78 24.18 19.46
C ALA B 219 -8.85 25.67 19.22
N ALA B 220 -8.62 26.11 17.98
CA ALA B 220 -8.69 27.52 17.62
C ALA B 220 -9.84 27.83 16.67
N ASP B 221 -10.69 26.86 16.38
CA ASP B 221 -11.84 27.08 15.52
C ASP B 221 -13.00 27.64 16.35
N PRO B 222 -13.33 28.93 16.19
CA PRO B 222 -14.43 29.51 16.99
C PRO B 222 -15.80 29.00 16.61
N ARG B 223 -15.92 28.22 15.54
CA ARG B 223 -17.22 27.68 15.14
C ARG B 223 -17.69 26.57 16.08
N VAL B 224 -16.80 25.98 16.87
CA VAL B 224 -17.12 24.81 17.68
C VAL B 224 -16.47 24.93 19.06
N GLU B 225 -17.10 24.28 20.04
CA GLU B 225 -16.46 23.96 21.31
C GLU B 225 -15.95 22.53 21.24
N ILE B 226 -14.77 22.29 21.80
CA ILE B 226 -14.14 20.98 21.69
C ILE B 226 -13.92 20.39 23.07
N SER B 227 -13.77 19.07 23.10
CA SER B 227 -13.44 18.34 24.32
C SER B 227 -12.71 17.07 23.91
N GLN B 228 -11.39 17.04 24.12
CA GLN B 228 -10.58 15.87 23.79
C GLN B 228 -10.64 14.88 24.96
N VAL B 229 -11.10 13.67 24.69
CA VAL B 229 -11.33 12.66 25.72
C VAL B 229 -10.32 11.54 25.53
N SER B 230 -9.66 11.16 26.62
CA SER B 230 -8.59 10.16 26.57
C SER B 230 -9.15 8.75 26.81
N ILE B 231 -10.13 8.39 25.98
CA ILE B 231 -10.78 7.09 26.03
C ILE B 231 -10.47 6.35 24.75
N GLY B 232 -10.24 5.03 24.88
CA GLY B 232 -9.94 4.21 23.73
C GLY B 232 -8.65 4.68 23.05
N ALA B 233 -8.76 5.01 21.77
CA ALA B 233 -7.67 5.61 21.03
C ALA B 233 -7.66 7.13 21.12
N GLY B 234 -8.49 7.70 21.99
CA GLY B 234 -8.63 9.14 22.08
C GLY B 234 -9.58 9.67 21.02
N LEU B 235 -10.46 10.59 21.42
CA LEU B 235 -11.39 11.21 20.48
C LEU B 235 -11.65 12.65 20.92
N THR B 236 -12.05 13.48 19.96
CA THR B 236 -12.37 14.87 20.20
C THR B 236 -13.84 15.11 19.87
N ILE B 237 -14.56 15.70 20.82
CA ILE B 237 -15.97 16.03 20.66
C ILE B 237 -16.09 17.50 20.30
N CYS B 238 -16.78 17.79 19.19
CA CYS B 238 -17.05 19.16 18.79
C CYS B 238 -18.55 19.44 18.87
N ARG B 239 -18.89 20.66 19.25
CA ARG B 239 -20.27 21.11 19.32
C ARG B 239 -20.40 22.38 18.51
N ARG B 240 -21.23 22.34 17.47
CA ARG B 240 -21.38 23.48 16.56
C ARG B 240 -22.06 24.64 17.29
N LEU B 241 -21.37 25.77 17.38
CA LEU B 241 -21.88 26.97 18.03
C LEU B 241 -22.76 27.80 17.12
N TYR B 242 -22.36 28.00 15.88
CA TYR B 242 -23.14 28.77 14.92
C TYR B 242 -22.90 28.27 13.50
N SER C 7 -44.62 -13.08 -7.15
CA SER C 7 -44.42 -14.11 -8.16
C SER C 7 -44.57 -13.55 -9.57
N GLN C 8 -44.49 -14.44 -10.57
CA GLN C 8 -44.22 -14.02 -11.95
C GLN C 8 -45.28 -13.06 -12.49
N ASP C 9 -46.56 -13.28 -12.18
CA ASP C 9 -47.62 -12.46 -12.76
C ASP C 9 -47.82 -11.14 -12.01
N ASP C 10 -47.06 -10.89 -10.94
CA ASP C 10 -47.05 -9.58 -10.31
C ASP C 10 -46.29 -8.53 -11.12
N TYR C 11 -45.50 -8.96 -12.10
CA TYR C 11 -44.66 -8.07 -12.88
C TYR C 11 -45.36 -7.66 -14.17
N ALA C 12 -45.03 -6.47 -14.64
CA ALA C 12 -45.71 -5.88 -15.80
C ALA C 12 -44.93 -6.03 -17.10
N LEU C 13 -43.66 -6.41 -17.05
CA LEU C 13 -42.78 -6.38 -18.21
C LEU C 13 -42.39 -7.78 -18.69
N ILE C 14 -43.18 -8.80 -18.38
CA ILE C 14 -42.78 -10.17 -18.70
C ILE C 14 -42.72 -10.37 -20.21
N HIS C 15 -43.67 -9.80 -20.96
CA HIS C 15 -43.83 -10.14 -22.36
C HIS C 15 -43.88 -8.91 -23.26
N LYS C 16 -43.16 -7.85 -22.92
CA LYS C 16 -43.14 -6.65 -23.74
C LYS C 16 -41.98 -6.73 -24.72
N ASN C 17 -42.29 -6.70 -26.02
CA ASN C 17 -41.30 -6.81 -27.07
C ASN C 17 -40.52 -5.50 -27.22
N ILE C 18 -39.37 -5.60 -27.90
CA ILE C 18 -38.68 -4.42 -28.40
C ILE C 18 -38.77 -4.32 -29.91
N LEU C 19 -39.05 -5.41 -30.62
CA LEU C 19 -39.32 -5.36 -32.05
C LEU C 19 -40.73 -4.82 -32.27
N HIS C 20 -40.98 -4.34 -33.50
CA HIS C 20 -42.26 -3.71 -33.79
C HIS C 20 -43.39 -4.70 -34.00
N SER C 21 -43.10 -6.00 -34.01
CA SER C 21 -44.12 -7.00 -34.30
C SER C 21 -43.79 -8.31 -33.60
N GLU C 22 -44.82 -8.96 -33.05
CA GLU C 22 -44.65 -10.33 -32.61
C GLU C 22 -44.52 -11.28 -33.79
N ASP C 23 -45.10 -10.91 -34.94
CA ASP C 23 -44.94 -11.71 -36.15
C ASP C 23 -43.49 -11.71 -36.61
N LEU C 24 -42.82 -10.55 -36.52
CA LEU C 24 -41.42 -10.49 -36.92
C LEU C 24 -40.54 -11.34 -36.03
N LEU C 25 -40.77 -11.30 -34.71
CA LEU C 25 -39.99 -12.13 -33.81
C LEU C 25 -40.25 -13.61 -34.06
N LYS C 26 -41.52 -13.98 -34.22
CA LYS C 26 -41.84 -15.38 -34.52
C LYS C 26 -41.25 -15.81 -35.85
N TYR C 27 -41.19 -14.89 -36.82
CA TYR C 27 -40.52 -15.19 -38.08
C TYR C 27 -39.05 -15.51 -37.85
N ILE C 28 -38.38 -14.70 -37.02
CA ILE C 28 -36.95 -14.92 -36.77
C ILE C 28 -36.73 -16.27 -36.12
N LEU C 29 -37.52 -16.61 -35.11
CA LEU C 29 -37.33 -17.86 -34.39
C LEU C 29 -37.63 -19.06 -35.26
N GLU C 30 -38.72 -19.02 -36.02
CA GLU C 30 -39.11 -20.18 -36.82
C GLU C 30 -38.20 -20.35 -38.03
N THR C 31 -37.74 -19.24 -38.62
CA THR C 31 -36.93 -19.33 -39.84
C THR C 31 -35.47 -19.59 -39.53
N SER C 32 -34.92 -18.92 -38.51
CA SER C 32 -33.48 -18.87 -38.32
C SER C 32 -32.99 -19.40 -36.99
N VAL C 33 -33.88 -19.81 -36.08
CA VAL C 33 -33.46 -20.23 -34.75
C VAL C 33 -33.80 -21.68 -34.49
N TYR C 34 -35.07 -22.03 -34.64
CA TYR C 34 -35.49 -23.42 -34.39
C TYR C 34 -34.84 -24.42 -35.34
N PRO C 35 -34.68 -24.16 -36.64
CA PRO C 35 -33.95 -25.12 -37.49
C PRO C 35 -32.50 -25.30 -37.10
N ARG C 36 -31.90 -24.33 -36.41
CA ARG C 36 -30.50 -24.40 -36.00
C ARG C 36 -30.33 -24.65 -34.51
N GLU C 37 -31.41 -24.97 -33.80
CA GLU C 37 -31.37 -25.19 -32.36
C GLU C 37 -31.05 -26.65 -32.07
N HIS C 38 -30.07 -26.88 -31.21
CA HIS C 38 -29.75 -28.22 -30.75
C HIS C 38 -30.97 -28.85 -30.10
N GLU C 39 -31.06 -30.18 -30.20
CA GLU C 39 -32.23 -30.88 -29.67
C GLU C 39 -32.29 -30.76 -28.14
N GLN C 40 -31.15 -30.88 -27.47
CA GLN C 40 -31.15 -30.73 -26.01
C GLN C 40 -31.45 -29.30 -25.61
N LEU C 41 -31.19 -28.33 -26.49
CA LEU C 41 -31.58 -26.95 -26.23
C LEU C 41 -33.07 -26.75 -26.46
N LYS C 42 -33.67 -27.50 -27.39
CA LYS C 42 -35.11 -27.47 -27.53
C LYS C 42 -35.80 -28.05 -26.30
N GLY C 43 -35.34 -29.22 -25.86
CA GLY C 43 -35.95 -29.85 -24.69
C GLY C 43 -35.80 -29.01 -23.43
N LEU C 44 -34.64 -28.40 -23.23
CA LEU C 44 -34.45 -27.52 -22.09
C LEU C 44 -35.33 -26.28 -22.19
N ARG C 45 -35.51 -25.76 -23.40
CA ARG C 45 -36.35 -24.57 -23.58
C ARG C 45 -37.80 -24.88 -23.28
N GLU C 46 -38.31 -26.01 -23.77
CA GLU C 46 -39.72 -26.32 -23.61
C GLU C 46 -40.07 -26.70 -22.17
N VAL C 47 -39.14 -27.31 -21.44
CA VAL C 47 -39.38 -27.57 -20.03
C VAL C 47 -39.36 -26.26 -19.23
N THR C 48 -38.47 -25.34 -19.63
CA THR C 48 -38.31 -24.10 -18.86
C THR C 48 -39.47 -23.15 -19.07
N GLU C 49 -40.06 -23.12 -20.26
CA GLU C 49 -41.22 -22.25 -20.49
C GLU C 49 -42.39 -22.61 -19.59
N LYS C 50 -42.42 -23.83 -19.07
CA LYS C 50 -43.44 -24.24 -18.11
C LYS C 50 -43.05 -23.92 -16.67
N HIS C 51 -41.81 -23.52 -16.42
CA HIS C 51 -41.34 -23.28 -15.07
C HIS C 51 -41.93 -21.98 -14.51
N GLU C 52 -41.88 -21.86 -13.17
CA GLU C 52 -42.50 -20.73 -12.50
C GLU C 52 -41.85 -19.41 -12.91
N TRP C 53 -40.54 -19.41 -13.15
CA TRP C 53 -39.83 -18.21 -13.56
C TRP C 53 -39.38 -18.33 -15.01
N SER C 54 -40.32 -18.58 -15.93
CA SER C 54 -39.97 -18.75 -17.33
C SER C 54 -39.48 -17.47 -17.98
N MET C 55 -39.76 -16.31 -17.38
CA MET C 55 -39.38 -15.04 -18.02
C MET C 55 -37.87 -14.86 -18.06
N ALA C 56 -37.16 -15.39 -17.07
CA ALA C 56 -35.72 -15.21 -16.99
C ALA C 56 -34.97 -16.03 -18.03
N LEU C 57 -35.64 -16.95 -18.70
CA LEU C 57 -35.01 -17.74 -19.75
C LEU C 57 -34.52 -16.84 -20.88
N VAL C 58 -33.26 -17.05 -21.30
CA VAL C 58 -32.68 -16.22 -22.34
C VAL C 58 -33.37 -16.49 -23.68
N ALA C 59 -33.45 -15.46 -24.50
CA ALA C 59 -34.12 -15.59 -25.79
C ALA C 59 -33.35 -16.54 -26.69
N ALA C 60 -34.09 -17.31 -27.50
CA ALA C 60 -33.48 -18.34 -28.33
C ALA C 60 -32.67 -17.74 -29.47
N ASP C 61 -33.13 -16.61 -30.03
CA ASP C 61 -32.32 -15.92 -31.02
C ASP C 61 -31.09 -15.29 -30.38
N GLU C 62 -31.21 -14.87 -29.11
CA GLU C 62 -30.04 -14.40 -28.37
C GLU C 62 -29.04 -15.53 -28.17
N GLY C 63 -29.54 -16.75 -27.92
CA GLY C 63 -28.64 -17.87 -27.68
C GLY C 63 -27.77 -18.20 -28.87
N LEU C 64 -28.37 -18.25 -30.07
CA LEU C 64 -27.58 -18.46 -31.27
C LEU C 64 -26.54 -17.36 -31.46
N PHE C 65 -26.87 -16.13 -31.04
CA PHE C 65 -25.95 -15.01 -31.22
C PHE C 65 -24.75 -15.13 -30.28
N LEU C 66 -24.99 -15.52 -29.02
CA LEU C 66 -23.88 -15.76 -28.11
C LEU C 66 -22.99 -16.89 -28.63
N SER C 67 -23.61 -17.95 -29.16
CA SER C 67 -22.83 -19.04 -29.73
C SER C 67 -21.95 -18.54 -30.87
N MET C 68 -22.49 -17.66 -31.73
CA MET C 68 -21.71 -17.13 -32.84
C MET C 68 -20.53 -16.31 -32.35
N LEU C 69 -20.71 -15.55 -31.26
CA LEU C 69 -19.61 -14.76 -30.71
C LEU C 69 -18.50 -15.67 -30.19
N LEU C 70 -18.87 -16.72 -29.46
CA LEU C 70 -17.87 -17.61 -28.87
C LEU C 70 -17.03 -18.30 -29.95
N LYS C 71 -17.63 -18.60 -31.09
CA LYS C 71 -16.89 -19.29 -32.16
C LYS C 71 -16.00 -18.33 -32.94
N LEU C 72 -16.48 -17.12 -33.21
CA LEU C 72 -15.70 -16.19 -34.01
C LEU C 72 -14.49 -15.67 -33.27
N MET C 73 -14.59 -15.53 -31.95
CA MET C 73 -13.44 -15.13 -31.13
C MET C 73 -12.65 -16.32 -30.63
N ASN C 74 -13.03 -17.54 -31.01
CA ASN C 74 -12.34 -18.76 -30.61
C ASN C 74 -12.18 -18.83 -29.09
N ALA C 75 -13.27 -18.59 -28.39
CA ALA C 75 -13.24 -18.66 -26.94
C ALA C 75 -12.96 -20.09 -26.48
N LYS C 76 -12.25 -20.20 -25.34
CA LYS C 76 -11.93 -21.51 -24.75
C LYS C 76 -12.19 -21.60 -23.26
N ARG C 77 -12.12 -20.51 -22.51
CA ARG C 77 -12.39 -20.53 -21.07
C ARG C 77 -13.29 -19.34 -20.76
N THR C 78 -14.53 -19.62 -20.36
CA THR C 78 -15.52 -18.58 -20.14
C THR C 78 -16.06 -18.67 -18.72
N ILE C 79 -16.87 -17.68 -18.34
CA ILE C 79 -17.52 -17.63 -17.04
C ILE C 79 -18.93 -17.11 -17.24
N GLU C 80 -19.91 -17.77 -16.62
CA GLU C 80 -21.30 -17.36 -16.69
C GLU C 80 -21.82 -17.05 -15.30
N ILE C 81 -22.51 -15.93 -15.17
CA ILE C 81 -23.09 -15.49 -13.90
C ILE C 81 -24.60 -15.43 -14.10
N GLY C 82 -25.32 -16.34 -13.47
CA GLY C 82 -26.75 -16.47 -13.69
C GLY C 82 -27.07 -17.65 -14.59
N VAL C 83 -27.18 -18.83 -14.00
CA VAL C 83 -27.34 -20.07 -14.78
C VAL C 83 -28.81 -20.42 -14.99
N TYR C 84 -29.58 -20.43 -13.90
CA TYR C 84 -31.00 -20.81 -13.94
C TYR C 84 -31.07 -22.24 -14.47
N THR C 85 -31.86 -22.53 -15.51
CA THR C 85 -31.95 -23.89 -16.03
C THR C 85 -30.79 -24.25 -16.95
N GLY C 86 -30.02 -23.27 -17.40
CA GLY C 86 -28.78 -23.54 -18.12
C GLY C 86 -28.83 -23.43 -19.62
N TYR C 87 -29.78 -22.68 -20.19
CA TYR C 87 -29.85 -22.57 -21.65
C TYR C 87 -28.63 -21.87 -22.21
N SER C 88 -28.25 -20.73 -21.62
CA SER C 88 -27.02 -20.07 -22.05
C SER C 88 -25.80 -20.88 -21.69
N LEU C 89 -25.86 -21.66 -20.60
CA LEU C 89 -24.76 -22.54 -20.23
C LEU C 89 -24.59 -23.66 -21.26
N LEU C 90 -25.67 -24.34 -21.60
CA LEU C 90 -25.59 -25.39 -22.62
C LEU C 90 -25.23 -24.82 -23.98
N THR C 91 -25.69 -23.60 -24.29
CA THR C 91 -25.29 -22.96 -25.53
C THR C 91 -23.80 -22.69 -25.55
N THR C 92 -23.25 -22.19 -24.43
CA THR C 92 -21.81 -21.95 -24.35
C THR C 92 -21.03 -23.25 -24.41
N ALA C 93 -21.46 -24.27 -23.63
CA ALA C 93 -20.74 -25.53 -23.62
C ALA C 93 -20.78 -26.24 -24.96
N LEU C 94 -21.83 -26.00 -25.75
CA LEU C 94 -21.91 -26.56 -27.10
C LEU C 94 -21.03 -25.83 -28.10
N ALA C 95 -20.70 -24.56 -27.83
CA ALA C 95 -19.94 -23.76 -28.78
C ALA C 95 -18.43 -23.86 -28.57
N LEU C 96 -17.99 -24.14 -27.35
CA LEU C 96 -16.57 -24.20 -27.05
C LEU C 96 -15.97 -25.51 -27.56
N PRO C 97 -14.66 -25.52 -27.81
CA PRO C 97 -14.00 -26.78 -28.16
C PRO C 97 -14.10 -27.78 -27.03
N GLU C 98 -13.84 -29.05 -27.36
CA GLU C 98 -14.01 -30.12 -26.38
C GLU C 98 -13.19 -29.89 -25.12
N ASP C 99 -12.05 -29.21 -25.25
CA ASP C 99 -11.20 -28.88 -24.11
C ASP C 99 -11.56 -27.53 -23.49
N GLY C 100 -12.71 -26.97 -23.83
CA GLY C 100 -13.12 -25.70 -23.25
C GLY C 100 -13.66 -25.88 -21.83
N LYS C 101 -13.45 -24.84 -21.02
CA LYS C 101 -13.87 -24.86 -19.62
C LYS C 101 -14.78 -23.67 -19.34
N ILE C 102 -15.74 -23.87 -18.44
CA ILE C 102 -16.71 -22.84 -18.07
C ILE C 102 -16.84 -22.81 -16.56
N THR C 103 -16.85 -21.61 -15.99
CA THR C 103 -17.12 -21.39 -14.57
C THR C 103 -18.54 -20.84 -14.46
N ALA C 104 -19.48 -21.70 -14.09
CA ALA C 104 -20.89 -21.33 -13.98
C ALA C 104 -21.22 -21.02 -12.53
N ILE C 105 -21.82 -19.85 -12.28
CA ILE C 105 -22.11 -19.39 -10.93
C ILE C 105 -23.60 -19.07 -10.84
N ASP C 106 -24.25 -19.62 -9.82
CA ASP C 106 -25.65 -19.31 -9.54
C ASP C 106 -25.93 -19.64 -8.08
N VAL C 107 -26.81 -18.84 -7.47
CA VAL C 107 -27.19 -19.06 -6.09
C VAL C 107 -28.07 -20.31 -5.93
N ASN C 108 -28.59 -20.85 -7.02
CA ASN C 108 -29.65 -21.85 -6.97
C ASN C 108 -29.23 -23.09 -7.77
N LYS C 109 -28.74 -24.12 -7.07
CA LYS C 109 -28.41 -25.38 -7.73
C LYS C 109 -29.66 -26.11 -8.20
N SER C 110 -30.81 -25.88 -7.57
N SER C 110 -30.80 -25.87 -7.57
CA SER C 110 -32.02 -26.59 -7.96
CA SER C 110 -32.02 -26.57 -7.95
C SER C 110 -32.48 -26.21 -9.36
C SER C 110 -32.45 -26.22 -9.36
N TYR C 111 -32.27 -24.96 -9.77
CA TYR C 111 -32.58 -24.58 -11.14
C TYR C 111 -31.66 -25.26 -12.13
N PHE C 112 -30.40 -25.50 -11.73
CA PHE C 112 -29.40 -26.04 -12.64
C PHE C 112 -29.68 -27.51 -12.96
N GLU C 113 -30.12 -28.28 -11.96
CA GLU C 113 -30.37 -29.71 -12.17
C GLU C 113 -31.63 -29.97 -12.99
N ILE C 114 -32.45 -28.95 -13.25
CA ILE C 114 -33.55 -29.12 -14.18
C ILE C 114 -33.02 -29.41 -15.58
N GLY C 115 -32.04 -28.63 -16.02
CA GLY C 115 -31.42 -28.79 -17.31
C GLY C 115 -30.16 -29.64 -17.35
N LEU C 116 -29.69 -30.10 -16.19
CA LEU C 116 -28.51 -30.97 -16.16
C LEU C 116 -28.69 -32.25 -16.96
N PRO C 117 -29.85 -32.93 -16.96
CA PRO C 117 -30.00 -34.10 -17.85
C PRO C 117 -29.81 -33.77 -19.31
N PHE C 118 -30.28 -32.61 -19.77
CA PHE C 118 -30.08 -32.22 -21.16
C PHE C 118 -28.62 -31.93 -21.45
N ILE C 119 -27.90 -31.37 -20.48
CA ILE C 119 -26.49 -31.07 -20.68
C ILE C 119 -25.65 -32.34 -20.64
N GLN C 120 -26.06 -33.33 -19.85
CA GLN C 120 -25.37 -34.61 -19.85
C GLN C 120 -25.65 -35.40 -21.12
N LYS C 121 -26.90 -35.40 -21.58
CA LYS C 121 -27.22 -36.05 -22.84
C LYS C 121 -26.53 -35.37 -24.01
N ALA C 122 -26.32 -34.06 -23.93
CA ALA C 122 -25.57 -33.35 -24.96
C ALA C 122 -24.09 -33.71 -24.95
N GLY C 123 -23.59 -34.28 -23.86
CA GLY C 123 -22.21 -34.70 -23.78
C GLY C 123 -21.21 -33.58 -23.56
N VAL C 124 -21.58 -32.55 -22.81
CA VAL C 124 -20.72 -31.40 -22.59
C VAL C 124 -20.67 -31.04 -21.11
N GLU C 125 -21.10 -31.98 -20.25
CA GLU C 125 -21.07 -31.73 -18.81
C GLU C 125 -19.64 -31.57 -18.30
N HIS C 126 -18.68 -32.24 -18.94
CA HIS C 126 -17.30 -32.20 -18.48
C HIS C 126 -16.67 -30.81 -18.60
N LYS C 127 -17.27 -29.92 -19.38
CA LYS C 127 -16.72 -28.58 -19.58
C LYS C 127 -17.16 -27.59 -18.50
N ILE C 128 -18.12 -27.95 -17.65
CA ILE C 128 -18.78 -27.00 -16.76
C ILE C 128 -18.34 -27.28 -15.32
N ASN C 129 -17.98 -26.21 -14.62
CA ASN C 129 -17.70 -26.26 -13.18
C ASN C 129 -18.73 -25.35 -12.50
N PHE C 130 -19.85 -25.94 -12.09
CA PHE C 130 -20.89 -25.16 -11.43
C PHE C 130 -20.46 -24.82 -10.00
N ILE C 131 -20.81 -23.61 -9.56
CA ILE C 131 -20.48 -23.12 -8.23
C ILE C 131 -21.75 -22.52 -7.62
N GLU C 132 -22.30 -23.18 -6.62
CA GLU C 132 -23.53 -22.70 -5.97
C GLU C 132 -23.14 -21.66 -4.93
N SER C 133 -23.26 -20.38 -5.30
CA SER C 133 -22.91 -19.28 -4.42
C SER C 133 -23.36 -17.98 -5.07
N GLU C 134 -23.40 -16.92 -4.26
CA GLU C 134 -23.51 -15.58 -4.81
C GLU C 134 -22.23 -15.25 -5.57
N ALA C 135 -22.37 -14.69 -6.76
CA ALA C 135 -21.21 -14.51 -7.63
C ALA C 135 -20.25 -13.46 -7.10
N LEU C 136 -20.76 -12.41 -6.44
CA LEU C 136 -19.89 -11.34 -5.98
C LEU C 136 -18.85 -11.81 -4.96
N PRO C 137 -19.16 -12.62 -3.95
CA PRO C 137 -18.08 -13.20 -3.13
C PRO C 137 -17.18 -14.14 -3.91
N VAL C 138 -17.69 -14.79 -4.96
CA VAL C 138 -16.85 -15.69 -5.75
C VAL C 138 -15.89 -14.89 -6.61
N LEU C 139 -16.36 -13.82 -7.26
CA LEU C 139 -15.50 -13.02 -8.11
C LEU C 139 -14.37 -12.37 -7.32
N ASP C 140 -14.61 -12.04 -6.05
CA ASP C 140 -13.58 -11.40 -5.25
C ASP C 140 -12.45 -12.37 -4.91
N GLN C 141 -12.80 -13.63 -4.58
CA GLN C 141 -11.78 -14.61 -4.28
C GLN C 141 -10.93 -14.91 -5.51
N MET C 142 -11.53 -14.88 -6.70
CA MET C 142 -10.76 -15.11 -7.91
C MET C 142 -9.82 -13.95 -8.21
N LEU C 143 -10.19 -12.73 -7.79
CA LEU C 143 -9.32 -11.58 -8.02
C LEU C 143 -7.96 -11.75 -7.34
N GLN C 144 -7.93 -12.43 -6.19
CA GLN C 144 -6.68 -12.66 -5.47
C GLN C 144 -5.97 -13.93 -5.92
N GLU C 145 -6.67 -14.84 -6.60
CA GLU C 145 -6.17 -16.17 -6.86
C GLU C 145 -5.81 -16.45 -8.32
N MET C 146 -6.06 -15.51 -9.23
CA MET C 146 -5.96 -15.78 -10.66
C MET C 146 -4.70 -15.18 -11.25
N LYS C 147 -3.92 -16.02 -11.92
CA LYS C 147 -2.73 -15.56 -12.63
C LYS C 147 -3.13 -15.03 -14.00
N GLU C 148 -2.23 -14.26 -14.60
CA GLU C 148 -2.53 -13.61 -15.86
C GLU C 148 -2.90 -14.60 -16.96
N GLU C 149 -2.43 -15.86 -16.91
CA GLU C 149 -2.69 -16.83 -17.96
C GLU C 149 -3.90 -17.69 -17.68
N ASP C 150 -4.69 -17.36 -16.66
CA ASP C 150 -5.96 -18.02 -16.38
C ASP C 150 -7.15 -17.10 -16.67
N LEU C 151 -6.89 -15.93 -17.24
CA LEU C 151 -7.97 -15.00 -17.53
C LEU C 151 -8.96 -15.60 -18.52
N TYR C 152 -10.21 -15.18 -18.40
CA TYR C 152 -11.27 -15.70 -19.26
C TYR C 152 -11.30 -14.96 -20.59
N ASP C 153 -11.72 -15.68 -21.63
CA ASP C 153 -11.92 -15.06 -22.94
C ASP C 153 -13.28 -14.39 -23.05
N PHE C 154 -14.27 -14.87 -22.29
CA PHE C 154 -15.66 -14.46 -22.45
C PHE C 154 -16.36 -14.52 -21.10
N ALA C 155 -17.29 -13.59 -20.89
CA ALA C 155 -18.07 -13.55 -19.66
C ALA C 155 -19.51 -13.15 -19.99
N PHE C 156 -20.46 -13.93 -19.49
CA PHE C 156 -21.88 -13.66 -19.70
C PHE C 156 -22.51 -13.31 -18.35
N VAL C 157 -23.03 -12.09 -18.25
CA VAL C 157 -23.64 -11.60 -17.02
C VAL C 157 -25.15 -11.62 -17.19
N ASP C 158 -25.83 -12.44 -16.38
CA ASP C 158 -27.26 -12.65 -16.53
C ASP C 158 -27.93 -12.98 -15.21
N ALA C 159 -27.43 -12.44 -14.10
CA ALA C 159 -27.89 -12.81 -12.76
C ALA C 159 -28.71 -11.66 -12.19
N ASP C 160 -28.48 -11.22 -10.96
CA ASP C 160 -29.29 -10.15 -10.37
C ASP C 160 -28.92 -8.82 -11.00
N LYS C 161 -29.90 -8.18 -11.62
CA LYS C 161 -29.63 -7.02 -12.46
C LYS C 161 -29.05 -5.83 -11.70
N PRO C 162 -29.47 -5.48 -10.48
CA PRO C 162 -28.87 -4.33 -9.79
C PRO C 162 -27.41 -4.51 -9.42
N ASN C 163 -26.80 -5.67 -9.68
CA ASN C 163 -25.40 -5.90 -9.35
C ASN C 163 -24.50 -5.92 -10.58
N TYR C 164 -25.04 -5.60 -11.76
CA TYR C 164 -24.24 -5.61 -12.98
C TYR C 164 -23.02 -4.71 -12.86
N ALA C 165 -23.21 -3.50 -12.33
CA ALA C 165 -22.10 -2.55 -12.23
C ALA C 165 -21.03 -3.03 -11.26
N ASN C 166 -21.42 -3.77 -10.23
CA ASN C 166 -20.44 -4.35 -9.32
C ASN C 166 -19.73 -5.55 -9.95
N TYR C 167 -20.47 -6.38 -10.69
CA TYR C 167 -19.83 -7.44 -11.46
C TYR C 167 -18.85 -6.88 -12.48
N HIS C 168 -19.15 -5.69 -13.02
CA HIS C 168 -18.31 -5.12 -14.06
C HIS C 168 -16.92 -4.80 -13.54
N GLU C 169 -16.83 -4.22 -12.34
CA GLU C 169 -15.53 -3.86 -11.78
C GLU C 169 -14.65 -5.08 -11.58
N ARG C 170 -15.25 -6.22 -11.24
CA ARG C 170 -14.47 -7.44 -11.08
C ARG C 170 -14.07 -8.04 -12.41
N LEU C 171 -14.99 -8.03 -13.39
CA LEU C 171 -14.78 -8.75 -14.63
C LEU C 171 -13.85 -8.04 -15.61
N VAL C 172 -13.72 -6.71 -15.51
CA VAL C 172 -12.74 -6.01 -16.33
C VAL C 172 -11.31 -6.34 -15.92
N LYS C 173 -11.13 -7.08 -14.83
CA LYS C 173 -9.84 -7.57 -14.42
C LYS C 173 -9.74 -9.09 -14.40
N LEU C 174 -10.87 -9.81 -14.49
CA LEU C 174 -10.86 -11.25 -14.59
C LEU C 174 -10.94 -11.74 -16.02
N VAL C 175 -11.25 -10.87 -16.98
CA VAL C 175 -11.32 -11.21 -18.40
C VAL C 175 -10.05 -10.73 -19.07
N ARG C 176 -9.55 -11.49 -20.03
CA ARG C 176 -8.31 -11.14 -20.70
C ARG C 176 -8.47 -9.87 -21.53
N VAL C 177 -7.34 -9.22 -21.80
CA VAL C 177 -7.34 -8.10 -22.73
C VAL C 177 -7.76 -8.59 -24.10
N GLY C 178 -8.74 -7.92 -24.70
CA GLY C 178 -9.38 -8.42 -25.89
C GLY C 178 -10.52 -9.37 -25.64
N GLY C 179 -10.68 -9.85 -24.40
CA GLY C 179 -11.82 -10.67 -24.05
C GLY C 179 -13.11 -9.87 -24.04
N ALA C 180 -14.22 -10.59 -23.93
CA ALA C 180 -15.54 -9.99 -24.06
C ALA C 180 -16.37 -10.21 -22.79
N ILE C 181 -17.13 -9.18 -22.42
CA ILE C 181 -18.11 -9.25 -21.35
C ILE C 181 -19.46 -8.84 -21.94
N VAL C 182 -20.45 -9.73 -21.83
CA VAL C 182 -21.78 -9.50 -22.37
C VAL C 182 -22.76 -9.37 -21.22
N TYR C 183 -23.58 -8.32 -21.26
CA TYR C 183 -24.60 -8.08 -20.25
C TYR C 183 -25.98 -8.22 -20.90
N ASP C 184 -26.80 -9.11 -20.36
CA ASP C 184 -28.13 -9.35 -20.88
C ASP C 184 -29.14 -8.41 -20.24
N ASN C 185 -30.18 -8.06 -21.02
CA ASN C 185 -31.30 -7.22 -20.57
C ASN C 185 -30.89 -5.76 -20.37
N THR C 186 -29.91 -5.26 -21.13
CA THR C 186 -29.48 -3.88 -20.92
C THR C 186 -30.45 -2.85 -21.46
N LEU C 187 -31.47 -3.27 -22.23
CA LEU C 187 -32.54 -2.39 -22.65
C LEU C 187 -33.78 -2.51 -21.78
N TRP C 188 -33.81 -3.49 -20.87
CA TRP C 188 -34.89 -3.73 -19.91
C TRP C 188 -36.27 -3.51 -20.51
N PHE C 189 -36.64 -4.33 -21.48
CA PHE C 189 -37.97 -4.33 -22.09
C PHE C 189 -38.35 -2.98 -22.68
N GLY C 190 -37.35 -2.16 -23.04
CA GLY C 190 -37.60 -0.87 -23.63
C GLY C 190 -37.93 0.25 -22.66
N THR C 191 -37.96 -0.03 -21.35
CA THR C 191 -38.31 0.98 -20.37
C THR C 191 -37.16 1.92 -20.04
N VAL C 192 -35.92 1.57 -20.42
CA VAL C 192 -34.78 2.43 -20.13
C VAL C 192 -34.79 3.69 -20.98
N ALA C 193 -35.59 3.73 -22.05
CA ALA C 193 -35.60 4.88 -22.94
C ALA C 193 -36.23 6.12 -22.32
N PHE C 194 -36.87 6.00 -21.15
CA PHE C 194 -37.56 7.11 -20.55
C PHE C 194 -37.01 7.41 -19.17
N PRO C 195 -36.92 8.69 -18.78
CA PRO C 195 -36.50 9.01 -17.41
C PRO C 195 -37.43 8.42 -16.36
N GLU C 196 -38.74 8.63 -16.50
CA GLU C 196 -39.73 8.04 -15.63
C GLU C 196 -40.55 7.01 -16.41
N TYR C 197 -41.05 6.01 -15.70
CA TYR C 197 -41.88 4.96 -16.30
C TYR C 197 -42.85 4.47 -15.24
N PRO C 198 -44.07 5.00 -15.22
CA PRO C 198 -45.05 4.59 -14.20
C PRO C 198 -45.68 3.25 -14.54
N GLY C 199 -46.22 2.62 -13.50
CA GLY C 199 -46.93 1.36 -13.64
C GLY C 199 -46.08 0.12 -13.50
N LEU C 200 -44.85 0.25 -13.03
CA LEU C 200 -43.94 -0.89 -12.90
C LEU C 200 -43.88 -1.39 -11.47
N HIS C 201 -43.65 -2.68 -11.33
CA HIS C 201 -43.35 -3.26 -10.03
C HIS C 201 -42.13 -2.56 -9.44
N PRO C 202 -42.09 -2.35 -8.12
CA PRO C 202 -40.94 -1.65 -7.52
C PRO C 202 -39.60 -2.24 -7.90
N GLU C 203 -39.49 -3.57 -7.96
CA GLU C 203 -38.23 -4.18 -8.36
C GLU C 203 -37.97 -3.99 -9.85
N GLU C 204 -39.02 -3.94 -10.66
CA GLU C 204 -38.84 -3.65 -12.08
C GLU C 204 -38.34 -2.24 -12.30
N GLU C 205 -38.88 -1.28 -11.52
CA GLU C 205 -38.41 0.10 -11.62
C GLU C 205 -36.98 0.23 -11.14
N GLU C 206 -36.60 -0.55 -10.12
CA GLU C 206 -35.22 -0.52 -9.64
C GLU C 206 -34.25 -1.03 -10.69
N CYS C 207 -34.60 -2.13 -11.37
CA CYS C 207 -33.76 -2.62 -12.45
C CYS C 207 -33.71 -1.62 -13.60
N ARG C 208 -34.79 -0.89 -13.83
CA ARG C 208 -34.83 0.07 -14.94
C ARG C 208 -33.87 1.23 -14.70
N VAL C 209 -33.84 1.75 -13.47
CA VAL C 209 -32.92 2.86 -13.19
C VAL C 209 -31.49 2.34 -13.06
N SER C 210 -31.32 1.07 -12.67
CA SER C 210 -29.98 0.51 -12.58
C SER C 210 -29.36 0.33 -13.97
N PHE C 211 -30.19 0.00 -14.96
CA PHE C 211 -29.69 -0.16 -16.32
C PHE C 211 -29.45 1.17 -17.00
N ARG C 212 -30.29 2.18 -16.71
CA ARG C 212 -30.00 3.52 -17.21
C ARG C 212 -28.67 4.02 -16.67
N ASN C 213 -28.36 3.71 -15.42
N ASN C 213 -28.34 3.70 -15.43
CA ASN C 213 -27.06 4.06 -14.86
CA ASN C 213 -27.05 4.09 -14.88
C ASN C 213 -25.95 3.25 -15.50
C ASN C 213 -25.91 3.22 -15.42
N LEU C 214 -26.18 1.95 -15.69
CA LEU C 214 -25.14 1.08 -16.24
C LEU C 214 -24.84 1.41 -17.69
N ASN C 215 -25.88 1.74 -18.47
CA ASN C 215 -25.67 2.04 -19.89
C ASN C 215 -24.80 3.28 -20.07
N LYS C 216 -25.02 4.29 -19.23
CA LYS C 216 -24.16 5.47 -19.28
C LYS C 216 -22.76 5.17 -18.73
N LEU C 217 -22.69 4.28 -17.75
CA LEU C 217 -21.40 3.88 -17.19
C LEU C 217 -20.53 3.20 -18.25
N LEU C 218 -21.08 2.15 -18.87
CA LEU C 218 -20.32 1.39 -19.87
C LEU C 218 -19.95 2.25 -21.07
N ALA C 219 -20.79 3.23 -21.42
CA ALA C 219 -20.50 4.07 -22.56
C ALA C 219 -19.38 5.06 -22.28
N ALA C 220 -19.12 5.35 -21.01
CA ALA C 220 -18.05 6.26 -20.61
C ALA C 220 -16.86 5.53 -19.99
N ASP C 221 -16.88 4.19 -19.99
CA ASP C 221 -15.79 3.40 -19.44
C ASP C 221 -14.67 3.28 -20.47
N PRO C 222 -13.52 3.92 -20.24
CA PRO C 222 -12.42 3.85 -21.22
C PRO C 222 -11.66 2.53 -21.19
N ARG C 223 -11.86 1.70 -20.17
CA ARG C 223 -11.22 0.40 -20.11
C ARG C 223 -11.79 -0.59 -21.13
N VAL C 224 -12.87 -0.23 -21.83
CA VAL C 224 -13.55 -1.15 -22.73
C VAL C 224 -14.12 -0.37 -23.91
N GLU C 225 -14.34 -1.09 -25.01
N GLU C 225 -14.33 -1.10 -25.01
CA GLU C 225 -15.18 -0.60 -26.09
CA GLU C 225 -15.17 -0.66 -26.11
C GLU C 225 -16.48 -1.41 -26.08
C GLU C 225 -16.49 -1.41 -26.01
N ILE C 226 -17.59 -0.73 -26.32
CA ILE C 226 -18.91 -1.30 -26.15
C ILE C 226 -19.62 -1.41 -27.51
N SER C 227 -20.72 -2.16 -27.49
CA SER C 227 -21.64 -2.21 -28.61
C SER C 227 -22.96 -2.76 -28.07
N GLN C 228 -23.96 -1.90 -27.95
CA GLN C 228 -25.28 -2.34 -27.49
C GLN C 228 -26.06 -2.92 -28.66
N VAL C 229 -26.59 -4.13 -28.48
CA VAL C 229 -27.27 -4.85 -29.54
C VAL C 229 -28.71 -5.10 -29.12
N SER C 230 -29.65 -4.73 -30.00
CA SER C 230 -31.08 -4.85 -29.71
C SER C 230 -31.61 -6.21 -30.16
N ILE C 231 -30.98 -7.27 -29.67
CA ILE C 231 -31.42 -8.64 -29.93
C ILE C 231 -31.95 -9.21 -28.63
N GLY C 232 -32.98 -10.05 -28.76
CA GLY C 232 -33.59 -10.64 -27.57
C GLY C 232 -34.17 -9.54 -26.70
N ALA C 233 -33.69 -9.49 -25.46
CA ALA C 233 -34.08 -8.45 -24.52
C ALA C 233 -33.10 -7.29 -24.50
N GLY C 234 -32.20 -7.21 -25.47
CA GLY C 234 -31.18 -6.19 -25.49
C GLY C 234 -29.96 -6.59 -24.69
N LEU C 235 -28.78 -6.52 -25.31
CA LEU C 235 -27.54 -6.86 -24.62
C LEU C 235 -26.45 -5.88 -25.04
N THR C 236 -25.43 -5.76 -24.20
CA THR C 236 -24.29 -4.89 -24.44
C THR C 236 -23.01 -5.71 -24.43
N ILE C 237 -22.26 -5.66 -25.52
CA ILE C 237 -20.98 -6.35 -25.63
C ILE C 237 -19.87 -5.38 -25.28
N CYS C 238 -19.04 -5.75 -24.30
CA CYS C 238 -17.87 -4.97 -23.91
C CYS C 238 -16.61 -5.76 -24.20
N ARG C 239 -15.56 -5.05 -24.60
CA ARG C 239 -14.29 -5.67 -24.99
C ARG C 239 -13.17 -4.98 -24.22
N ARG C 240 -12.38 -5.76 -23.48
CA ARG C 240 -11.38 -5.18 -22.60
C ARG C 240 -10.23 -4.57 -23.41
N LEU C 241 -9.91 -3.31 -23.11
CA LEU C 241 -8.80 -2.61 -23.76
C LEU C 241 -7.51 -2.72 -22.96
N TYR C 242 -7.58 -2.56 -21.64
CA TYR C 242 -6.42 -2.67 -20.78
C TYR C 242 -6.84 -3.05 -19.36
N SER D 7 46.35 -0.84 7.01
CA SER D 7 46.39 -1.97 7.94
C SER D 7 46.69 -1.49 9.36
N GLN D 8 46.43 -2.37 10.34
CA GLN D 8 46.37 -2.06 11.76
C GLN D 8 47.32 -0.96 12.23
N ASP D 9 48.58 -1.02 11.79
CA ASP D 9 49.57 -0.04 12.25
C ASP D 9 49.31 1.36 11.70
N ASP D 10 48.40 1.52 10.75
CA ASP D 10 48.07 2.82 10.19
C ASP D 10 47.02 3.57 10.99
N TYR D 11 46.53 3.00 12.09
CA TYR D 11 45.42 3.56 12.85
C TYR D 11 45.92 4.01 14.21
N ALA D 12 45.50 5.20 14.62
CA ALA D 12 45.99 5.84 15.84
C ALA D 12 45.20 5.45 17.09
N LEU D 13 44.14 4.67 16.96
CA LEU D 13 43.23 4.43 18.07
C LEU D 13 43.13 2.96 18.46
N ILE D 14 44.27 2.28 18.58
CA ILE D 14 44.22 0.86 18.93
C ILE D 14 44.23 0.66 20.44
N HIS D 15 44.99 1.46 21.18
CA HIS D 15 45.20 1.23 22.61
C HIS D 15 44.88 2.46 23.43
N LYS D 16 43.81 3.17 23.08
CA LYS D 16 43.31 4.29 23.87
C LYS D 16 42.03 3.82 24.56
N ASN D 17 42.18 3.20 25.72
CA ASN D 17 41.04 2.76 26.50
C ASN D 17 40.49 3.91 27.33
N ILE D 18 39.27 3.72 27.84
CA ILE D 18 38.51 4.82 28.43
C ILE D 18 38.68 4.97 29.93
N LEU D 19 39.29 4.00 30.61
CA LEU D 19 39.52 4.14 32.04
C LEU D 19 40.66 5.12 32.29
N HIS D 20 40.76 5.60 33.52
CA HIS D 20 41.72 6.66 33.82
C HIS D 20 43.16 6.14 33.93
N SER D 21 43.35 4.84 33.99
CA SER D 21 44.68 4.28 34.07
C SER D 21 44.64 2.84 33.56
N GLU D 22 45.74 2.41 32.97
CA GLU D 22 45.86 1.01 32.60
C GLU D 22 46.16 0.14 33.80
N ASP D 23 46.70 0.72 34.89
CA ASP D 23 46.79 -0.01 36.15
C ASP D 23 45.41 -0.47 36.60
N LEU D 24 44.39 0.36 36.37
CA LEU D 24 43.03 0.00 36.76
C LEU D 24 42.46 -1.09 35.86
N LEU D 25 42.64 -0.93 34.55
CA LEU D 25 42.15 -1.95 33.62
C LEU D 25 42.86 -3.29 33.82
N LYS D 26 44.18 -3.26 34.04
CA LYS D 26 44.90 -4.49 34.31
C LYS D 26 44.49 -5.09 35.66
N TYR D 27 44.08 -4.24 36.61
CA TYR D 27 43.57 -4.76 37.87
C TYR D 27 42.25 -5.49 37.66
N ILE D 28 41.38 -4.94 36.80
CA ILE D 28 40.09 -5.58 36.55
C ILE D 28 40.27 -6.91 35.85
N LEU D 29 41.16 -6.97 34.85
CA LEU D 29 41.34 -8.19 34.08
C LEU D 29 41.97 -9.29 34.93
N GLU D 30 42.95 -8.93 35.76
CA GLU D 30 43.64 -9.95 36.55
C GLU D 30 42.83 -10.38 37.76
N THR D 31 42.06 -9.47 38.37
CA THR D 31 41.31 -9.81 39.55
C THR D 31 39.98 -10.49 39.21
N SER D 32 39.25 -9.95 38.24
CA SER D 32 37.85 -10.32 38.04
C SER D 32 37.58 -11.03 36.72
N VAL D 33 38.50 -11.01 35.77
CA VAL D 33 38.26 -11.54 34.43
C VAL D 33 39.01 -12.86 34.20
N TYR D 34 40.34 -12.82 34.25
CA TYR D 34 41.13 -14.01 33.95
C TYR D 34 40.84 -15.20 34.85
N PRO D 35 40.67 -15.05 36.18
CA PRO D 35 40.30 -16.23 36.99
C PRO D 35 38.97 -16.84 36.60
N ARG D 36 38.09 -16.08 35.95
CA ARG D 36 36.79 -16.57 35.51
C ARG D 36 36.73 -16.81 34.01
N GLU D 37 37.87 -16.69 33.31
CA GLU D 37 37.89 -16.92 31.88
C GLU D 37 38.03 -18.41 31.59
N HIS D 38 37.21 -18.91 30.66
CA HIS D 38 37.26 -20.31 30.30
C HIS D 38 38.61 -20.66 29.67
N GLU D 39 39.02 -21.92 29.85
CA GLU D 39 40.30 -22.36 29.32
C GLU D 39 40.39 -22.17 27.82
N GLN D 40 39.34 -22.57 27.09
CA GLN D 40 39.33 -22.39 25.64
C GLN D 40 39.20 -20.93 25.26
N LEU D 41 38.53 -20.12 26.09
CA LEU D 41 38.48 -18.68 25.83
C LEU D 41 39.85 -18.04 26.04
N LYS D 42 40.63 -18.54 26.99
CA LYS D 42 41.97 -18.01 27.20
C LYS D 42 42.87 -18.34 26.00
N GLY D 43 42.83 -19.59 25.53
CA GLY D 43 43.64 -19.97 24.38
C GLY D 43 43.29 -19.19 23.14
N LEU D 44 41.99 -18.96 22.91
N LEU D 44 41.98 -18.97 22.91
CA LEU D 44 41.58 -18.19 21.73
CA LEU D 44 41.54 -18.19 21.76
C LEU D 44 42.01 -16.74 21.85
C LEU D 44 42.02 -16.75 21.85
N ARG D 45 42.00 -16.17 23.05
CA ARG D 45 42.42 -14.78 23.22
C ARG D 45 43.90 -14.62 22.91
N GLU D 46 44.72 -15.57 23.35
CA GLU D 46 46.16 -15.45 23.14
C GLU D 46 46.55 -15.67 21.68
N VAL D 47 45.78 -16.48 20.95
CA VAL D 47 46.00 -16.62 19.52
C VAL D 47 45.58 -15.36 18.79
N THR D 48 44.54 -14.69 19.27
CA THR D 48 44.04 -13.49 18.59
C THR D 48 44.91 -12.27 18.88
N GLU D 49 45.51 -12.19 20.07
CA GLU D 49 46.35 -11.05 20.41
C GLU D 49 47.57 -10.94 19.51
N LYS D 50 47.97 -12.03 18.86
CA LYS D 50 49.09 -11.98 17.90
C LYS D 50 48.63 -11.92 16.45
N HIS D 51 47.33 -12.01 16.20
CA HIS D 51 46.80 -11.81 14.85
C HIS D 51 47.02 -10.36 14.42
N GLU D 52 47.02 -10.15 13.10
CA GLU D 52 47.31 -8.83 12.57
C GLU D 52 46.16 -7.85 12.76
N TRP D 53 44.94 -8.33 12.95
CA TRP D 53 43.79 -7.49 13.27
C TRP D 53 43.36 -7.71 14.72
N SER D 54 44.34 -7.78 15.62
CA SER D 54 44.07 -7.97 17.04
C SER D 54 43.29 -6.82 17.64
N MET D 55 43.20 -5.67 16.96
CA MET D 55 42.49 -4.53 17.52
C MET D 55 41.02 -4.84 17.71
N ALA D 56 40.46 -5.69 16.85
CA ALA D 56 39.02 -5.96 16.84
C ALA D 56 38.61 -6.99 17.88
N LEU D 57 39.56 -7.67 18.52
CA LEU D 57 39.22 -8.65 19.55
C LEU D 57 38.46 -7.98 20.68
N VAL D 58 37.29 -8.54 21.01
CA VAL D 58 36.44 -7.95 22.04
C VAL D 58 37.15 -8.01 23.39
N ALA D 59 36.92 -7.00 24.23
CA ALA D 59 37.58 -6.92 25.51
C ALA D 59 37.14 -8.06 26.43
N ALA D 60 38.10 -8.58 27.20
CA ALA D 60 37.82 -9.74 28.04
C ALA D 60 36.86 -9.42 29.17
N ASP D 61 36.92 -8.21 29.73
CA ASP D 61 35.93 -7.81 30.72
C ASP D 61 34.56 -7.60 30.06
N GLU D 62 34.55 -7.16 28.80
CA GLU D 62 33.29 -7.08 28.06
C GLU D 62 32.68 -8.45 27.85
N GLY D 63 33.52 -9.45 27.57
CA GLY D 63 33.00 -10.79 27.33
C GLY D 63 32.29 -11.35 28.54
N LEU D 64 32.90 -11.23 29.73
CA LEU D 64 32.24 -11.68 30.95
C LEU D 64 30.95 -10.91 31.20
N PHE D 65 30.88 -9.66 30.74
CA PHE D 65 29.65 -8.88 30.90
C PHE D 65 28.54 -9.42 30.02
N LEU D 66 28.84 -9.64 28.73
CA LEU D 66 27.84 -10.20 27.83
C LEU D 66 27.37 -11.57 28.28
N SER D 67 28.29 -12.36 28.86
CA SER D 67 27.91 -13.67 29.38
C SER D 67 26.95 -13.53 30.57
N MET D 68 27.17 -12.52 31.42
CA MET D 68 26.26 -12.29 32.54
C MET D 68 24.88 -11.90 32.07
N LEU D 69 24.80 -11.10 31.00
CA LEU D 69 23.50 -10.66 30.50
C LEU D 69 22.68 -11.83 29.97
N LEU D 70 23.31 -12.72 29.21
CA LEU D 70 22.58 -13.81 28.58
C LEU D 70 21.94 -14.72 29.62
N LYS D 71 22.65 -15.00 30.71
CA LYS D 71 22.13 -15.91 31.73
C LYS D 71 21.04 -15.26 32.58
N LEU D 72 21.13 -13.95 32.82
CA LEU D 72 20.12 -13.28 33.63
C LEU D 72 18.81 -13.13 32.87
N MET D 73 18.89 -12.81 31.58
CA MET D 73 17.70 -12.72 30.74
C MET D 73 17.27 -14.07 30.19
N ASN D 74 17.92 -15.16 30.62
CA ASN D 74 17.58 -16.51 30.19
C ASN D 74 17.57 -16.64 28.67
N ALA D 75 18.59 -16.07 28.04
CA ALA D 75 18.68 -16.10 26.59
C ALA D 75 18.84 -17.54 26.09
N LYS D 76 18.19 -17.83 24.97
CA LYS D 76 18.21 -19.17 24.40
C LYS D 76 18.55 -19.17 22.92
N ARG D 77 18.02 -18.22 22.15
CA ARG D 77 18.28 -18.11 20.71
C ARG D 77 18.82 -16.72 20.43
N THR D 78 20.08 -16.63 20.02
CA THR D 78 20.75 -15.36 19.81
C THR D 78 21.35 -15.30 18.42
N ILE D 79 21.83 -14.12 18.06
CA ILE D 79 22.45 -13.87 16.76
C ILE D 79 23.62 -12.91 16.97
N GLU D 80 24.74 -13.20 16.30
CA GLU D 80 25.92 -12.35 16.38
C GLU D 80 26.28 -11.87 14.99
N ILE D 81 26.58 -10.57 14.87
CA ILE D 81 26.97 -9.95 13.61
C ILE D 81 28.38 -9.42 13.79
N GLY D 82 29.35 -10.08 13.17
CA GLY D 82 30.75 -9.79 13.38
C GLY D 82 31.40 -10.82 14.27
N VAL D 83 31.91 -11.90 13.67
CA VAL D 83 32.43 -13.04 14.41
C VAL D 83 33.93 -12.95 14.62
N TYR D 84 34.70 -12.70 13.56
CA TYR D 84 36.16 -12.65 13.60
C TYR D 84 36.64 -14.02 14.11
N THR D 85 37.49 -14.08 15.13
CA THR D 85 38.00 -15.37 15.60
C THR D 85 37.02 -16.09 16.53
N GLY D 86 35.92 -15.45 16.91
CA GLY D 86 34.89 -16.13 17.67
C GLY D 86 35.03 -16.07 19.16
N TYR D 87 35.66 -15.03 19.72
CA TYR D 87 35.72 -14.90 21.17
C TYR D 87 34.35 -14.57 21.74
N SER D 88 33.71 -13.52 21.21
CA SER D 88 32.35 -13.20 21.65
C SER D 88 31.36 -14.27 21.24
N LEU D 89 31.68 -15.07 20.21
CA LEU D 89 30.83 -16.19 19.83
C LEU D 89 30.96 -17.34 20.82
N LEU D 90 32.21 -17.72 21.14
CA LEU D 90 32.43 -18.77 22.15
C LEU D 90 31.93 -18.34 23.52
N THR D 91 32.01 -17.04 23.82
CA THR D 91 31.43 -16.55 25.06
C THR D 91 29.93 -16.79 25.10
N THR D 92 29.24 -16.52 23.99
CA THR D 92 27.80 -16.70 23.94
C THR D 92 27.44 -18.19 24.01
N ALA D 93 28.16 -19.03 23.27
CA ALA D 93 27.85 -20.46 23.25
C ALA D 93 28.05 -21.11 24.60
N LEU D 94 28.97 -20.59 25.42
CA LEU D 94 29.17 -21.14 26.75
C LEU D 94 28.13 -20.62 27.74
N ALA D 95 27.57 -19.43 27.50
CA ALA D 95 26.56 -18.88 28.39
C ALA D 95 25.18 -19.46 28.12
N LEU D 96 24.90 -19.84 26.88
CA LEU D 96 23.61 -20.39 26.53
C LEU D 96 23.48 -21.82 27.08
N PRO D 97 22.24 -22.28 27.29
CA PRO D 97 22.03 -23.67 27.66
C PRO D 97 22.36 -24.59 26.50
N GLU D 98 22.34 -25.90 26.78
CA GLU D 98 22.69 -26.89 25.76
C GLU D 98 21.75 -26.79 24.56
N ASP D 99 20.48 -26.49 24.80
CA ASP D 99 19.48 -26.36 23.74
C ASP D 99 19.61 -25.05 22.96
N GLY D 100 20.53 -24.17 23.33
CA GLY D 100 20.61 -22.88 22.68
C GLY D 100 21.18 -22.97 21.27
N LYS D 101 20.72 -22.06 20.42
CA LYS D 101 21.18 -21.95 19.05
C LYS D 101 21.63 -20.51 18.78
N ILE D 102 22.63 -20.37 17.91
CA ILE D 102 23.21 -19.08 17.57
C ILE D 102 23.34 -18.98 16.06
N THR D 103 23.00 -17.82 15.51
CA THR D 103 23.22 -17.50 14.11
C THR D 103 24.41 -16.55 14.03
N ALA D 104 25.57 -17.08 13.68
CA ALA D 104 26.79 -16.29 13.55
C ALA D 104 26.98 -15.88 12.09
N ILE D 105 27.21 -14.60 11.85
CA ILE D 105 27.34 -14.06 10.50
C ILE D 105 28.64 -13.28 10.41
N ASP D 106 29.42 -13.56 9.36
CA ASP D 106 30.68 -12.88 9.12
C ASP D 106 31.07 -13.08 7.66
N VAL D 107 31.74 -12.09 7.09
CA VAL D 107 32.15 -12.19 5.69
C VAL D 107 33.43 -13.01 5.52
N ASN D 108 34.20 -13.20 6.58
CA ASN D 108 35.51 -13.84 6.51
C ASN D 108 35.47 -15.12 7.34
N LYS D 109 35.16 -16.24 6.70
CA LYS D 109 35.14 -17.53 7.39
C LYS D 109 36.53 -17.97 7.83
N SER D 110 37.59 -17.46 7.19
CA SER D 110 38.93 -17.82 7.60
C SER D 110 39.23 -17.29 9.00
N TYR D 111 38.75 -16.09 9.33
CA TYR D 111 38.90 -15.57 10.68
C TYR D 111 38.22 -16.48 11.69
N PHE D 112 37.09 -17.08 11.31
CA PHE D 112 36.30 -17.88 12.24
C PHE D 112 36.96 -19.23 12.52
N GLU D 113 37.60 -19.83 11.51
CA GLU D 113 38.22 -21.13 11.68
C GLU D 113 39.49 -21.08 12.53
N ILE D 114 39.90 -19.89 12.98
CA ILE D 114 41.00 -19.80 13.94
C ILE D 114 40.53 -20.21 15.33
N GLY D 115 39.29 -19.85 15.69
CA GLY D 115 38.78 -20.13 17.01
C GLY D 115 37.89 -21.36 17.09
N LEU D 116 37.50 -21.90 15.95
CA LEU D 116 36.67 -23.10 15.92
C LEU D 116 37.27 -24.28 16.69
N PRO D 117 38.57 -24.59 16.59
CA PRO D 117 39.11 -25.67 17.44
C PRO D 117 38.88 -25.44 18.92
N PHE D 118 39.02 -24.19 19.39
CA PHE D 118 38.71 -23.90 20.78
C PHE D 118 37.23 -24.05 21.06
N ILE D 119 36.39 -23.66 20.11
CA ILE D 119 34.95 -23.87 20.25
C ILE D 119 34.62 -25.36 20.25
N GLN D 120 35.29 -26.13 19.38
CA GLN D 120 35.08 -27.57 19.36
C GLN D 120 35.56 -28.22 20.66
N LYS D 121 36.73 -27.82 21.14
CA LYS D 121 37.23 -28.35 22.41
C LYS D 121 36.31 -27.97 23.56
N ALA D 122 35.73 -26.77 23.51
CA ALA D 122 34.77 -26.35 24.54
C ALA D 122 33.53 -27.21 24.52
N GLY D 123 33.22 -27.86 23.40
CA GLY D 123 32.08 -28.75 23.32
C GLY D 123 30.74 -28.07 23.14
N VAL D 124 30.69 -27.01 22.33
CA VAL D 124 29.46 -26.26 22.14
C VAL D 124 29.31 -25.86 20.67
N GLU D 125 30.05 -26.54 19.78
CA GLU D 125 29.97 -26.22 18.36
C GLU D 125 28.60 -26.53 17.77
N HIS D 126 27.81 -27.38 18.44
CA HIS D 126 26.47 -27.70 17.98
C HIS D 126 25.49 -26.55 18.16
N LYS D 127 25.85 -25.52 18.93
CA LYS D 127 24.96 -24.38 19.13
C LYS D 127 25.09 -23.34 18.03
N ILE D 128 26.17 -23.38 17.25
CA ILE D 128 26.51 -22.29 16.33
C ILE D 128 26.15 -22.71 14.91
N ASN D 129 25.52 -21.79 14.18
CA ASN D 129 25.27 -21.91 12.75
C ASN D 129 26.00 -20.73 12.10
N PHE D 130 27.23 -20.95 11.66
CA PHE D 130 27.99 -19.90 11.01
C PHE D 130 27.51 -19.71 9.57
N ILE D 131 27.46 -18.46 9.15
CA ILE D 131 27.02 -18.09 7.81
C ILE D 131 28.06 -17.13 7.25
N GLU D 132 28.84 -17.59 6.27
CA GLU D 132 29.83 -16.73 5.62
C GLU D 132 29.11 -15.90 4.57
N SER D 133 28.75 -14.67 4.93
CA SER D 133 28.00 -13.77 4.07
C SER D 133 28.04 -12.38 4.70
N GLU D 134 27.82 -11.38 3.86
CA GLU D 134 27.57 -10.04 4.38
C GLU D 134 26.25 -10.05 5.16
N ALA D 135 26.25 -9.38 6.31
CA ALA D 135 25.14 -9.53 7.25
C ALA D 135 23.86 -8.90 6.73
N LEU D 136 23.97 -7.81 5.95
CA LEU D 136 22.77 -7.09 5.51
C LEU D 136 21.84 -7.95 4.67
N PRO D 137 22.28 -8.67 3.64
CA PRO D 137 21.33 -9.50 2.88
C PRO D 137 20.78 -10.67 3.67
N VAL D 138 21.50 -11.16 4.68
CA VAL D 138 20.99 -12.27 5.48
C VAL D 138 19.81 -11.81 6.33
N LEU D 139 19.93 -10.64 6.97
CA LEU D 139 18.84 -10.14 7.79
C LEU D 139 17.62 -9.77 6.96
N ASP D 140 17.83 -9.29 5.73
CA ASP D 140 16.71 -9.00 4.85
C ASP D 140 15.94 -10.28 4.52
N GLN D 141 16.65 -11.38 4.27
CA GLN D 141 15.99 -12.66 4.02
C GLN D 141 15.25 -13.13 5.27
N MET D 142 15.83 -12.92 6.45
CA MET D 142 15.14 -13.26 7.69
C MET D 142 13.88 -12.43 7.87
N LEU D 143 13.90 -11.17 7.41
CA LEU D 143 12.75 -10.28 7.54
C LEU D 143 11.55 -10.71 6.70
N GLN D 144 11.66 -11.80 5.94
CA GLN D 144 10.58 -12.29 5.09
C GLN D 144 10.02 -13.63 5.52
N GLU D 145 10.81 -14.48 6.18
CA GLU D 145 10.38 -15.82 6.54
C GLU D 145 10.39 -16.10 8.04
N MET D 146 10.89 -15.20 8.87
CA MET D 146 10.93 -15.43 10.30
C MET D 146 9.57 -15.15 10.93
N LYS D 147 9.06 -16.13 11.68
CA LYS D 147 7.75 -16.00 12.31
C LYS D 147 7.89 -15.46 13.73
N GLU D 148 6.76 -15.30 14.40
CA GLU D 148 6.73 -14.64 15.71
C GLU D 148 7.50 -15.45 16.76
N GLU D 149 7.12 -16.72 16.95
CA GLU D 149 7.73 -17.53 18.00
C GLU D 149 9.17 -17.89 17.73
N ASP D 150 9.72 -17.54 16.56
CA ASP D 150 11.12 -17.82 16.27
C ASP D 150 11.94 -16.54 16.21
N LEU D 151 11.72 -15.65 17.16
CA LEU D 151 12.46 -14.39 17.26
C LEU D 151 13.63 -14.54 18.21
N TYR D 152 14.71 -13.82 17.92
CA TYR D 152 15.92 -13.91 18.74
C TYR D 152 15.72 -13.23 20.08
N ASP D 153 16.25 -13.85 21.14
CA ASP D 153 16.25 -13.24 22.46
C ASP D 153 17.33 -12.18 22.59
N PHE D 154 18.46 -12.37 21.92
CA PHE D 154 19.65 -11.53 22.10
C PHE D 154 20.30 -11.30 20.74
N ALA D 155 20.89 -10.12 20.58
CA ALA D 155 21.61 -9.78 19.36
C ALA D 155 22.85 -8.99 19.72
N PHE D 156 24.00 -9.43 19.18
CA PHE D 156 25.27 -8.74 19.39
C PHE D 156 25.76 -8.23 18.04
N VAL D 157 26.00 -6.92 17.96
CA VAL D 157 26.45 -6.27 16.74
C VAL D 157 27.89 -5.84 16.93
N ASP D 158 28.79 -6.37 16.11
CA ASP D 158 30.21 -6.09 16.24
C ASP D 158 30.89 -6.20 14.88
N ALA D 159 30.20 -5.77 13.82
CA ALA D 159 30.72 -5.93 12.47
C ALA D 159 31.25 -4.61 11.91
N ASP D 160 30.91 -4.28 10.67
CA ASP D 160 31.35 -3.04 10.06
C ASP D 160 30.61 -1.87 10.71
N LYS D 161 31.36 -1.02 11.39
CA LYS D 161 30.76 0.01 12.24
C LYS D 161 29.86 0.99 11.51
N PRO D 162 30.18 1.47 10.30
CA PRO D 162 29.26 2.41 9.63
C PRO D 162 27.89 1.83 9.31
N ASN D 163 27.71 0.50 9.38
CA ASN D 163 26.44 -0.13 9.05
C ASN D 163 25.61 -0.46 10.28
N TYR D 164 25.95 0.11 11.44
CA TYR D 164 25.19 -0.19 12.66
C TYR D 164 23.76 0.31 12.56
N ALA D 165 23.56 1.47 11.94
CA ALA D 165 22.21 2.04 11.84
C ALA D 165 21.31 1.16 10.99
N ASN D 166 21.83 0.63 9.89
CA ASN D 166 21.05 -0.27 9.05
C ASN D 166 20.74 -1.57 9.77
N TYR D 167 21.70 -2.07 10.55
CA TYR D 167 21.45 -3.28 11.33
C TYR D 167 20.33 -3.07 12.33
N HIS D 168 20.24 -1.87 12.91
CA HIS D 168 19.23 -1.61 13.93
C HIS D 168 17.82 -1.74 13.38
N GLU D 169 17.58 -1.19 12.18
CA GLU D 169 16.24 -1.22 11.61
C GLU D 169 15.78 -2.66 11.35
N ARG D 170 16.71 -3.55 11.00
CA ARG D 170 16.34 -4.95 10.82
C ARG D 170 16.23 -5.67 12.15
N LEU D 171 17.12 -5.35 13.10
CA LEU D 171 17.21 -6.11 14.33
C LEU D 171 16.13 -5.75 15.35
N VAL D 172 15.57 -4.55 15.28
CA VAL D 172 14.39 -4.25 16.09
C VAL D 172 13.17 -5.06 15.65
N LYS D 173 13.28 -5.78 14.54
CA LYS D 173 12.23 -6.66 14.06
C LYS D 173 12.55 -8.14 14.20
N LEU D 174 13.83 -8.51 14.15
CA LEU D 174 14.24 -9.90 14.32
C LEU D 174 14.49 -10.28 15.77
N VAL D 175 14.45 -9.33 16.69
CA VAL D 175 14.60 -9.58 18.12
C VAL D 175 13.23 -9.45 18.76
N ARG D 176 12.93 -10.37 19.68
CA ARG D 176 11.62 -10.39 20.31
C ARG D 176 11.40 -9.17 21.19
N VAL D 177 10.12 -8.92 21.50
CA VAL D 177 9.78 -7.88 22.46
C VAL D 177 10.40 -8.24 23.80
N GLY D 178 11.07 -7.27 24.43
CA GLY D 178 11.84 -7.53 25.61
C GLY D 178 13.22 -8.11 25.36
N GLY D 179 13.54 -8.43 24.11
CA GLY D 179 14.87 -8.90 23.78
C GLY D 179 15.88 -7.77 23.72
N ALA D 180 17.16 -8.16 23.67
CA ALA D 180 18.26 -7.23 23.79
C ALA D 180 19.10 -7.18 22.52
N ILE D 181 19.46 -5.96 22.12
CA ILE D 181 20.45 -5.73 21.08
C ILE D 181 21.61 -4.97 21.71
N VAL D 182 22.83 -5.47 21.51
CA VAL D 182 24.03 -4.87 22.08
C VAL D 182 24.94 -4.46 20.93
N TYR D 183 25.36 -3.19 20.95
CA TYR D 183 26.27 -2.65 19.95
C TYR D 183 27.61 -2.35 20.61
N ASP D 184 28.69 -2.89 20.06
CA ASP D 184 30.02 -2.67 20.58
C ASP D 184 30.64 -1.42 19.97
N ASN D 185 31.57 -0.82 20.71
CA ASN D 185 32.38 0.31 20.25
C ASN D 185 31.60 1.61 20.16
N THR D 186 30.49 1.76 20.89
CA THR D 186 29.68 2.96 20.73
C THR D 186 30.31 4.20 21.35
N LEU D 187 31.43 4.08 22.06
CA LEU D 187 32.18 5.23 22.54
C LEU D 187 33.39 5.54 21.68
N TRP D 188 33.72 4.65 20.73
CA TRP D 188 34.86 4.74 19.83
C TRP D 188 36.10 5.37 20.46
N PHE D 189 36.66 4.71 21.48
CA PHE D 189 37.90 5.12 22.13
C PHE D 189 37.82 6.52 22.70
N GLY D 190 36.62 7.02 22.99
CA GLY D 190 36.45 8.34 23.57
C GLY D 190 36.43 9.49 22.58
N THR D 191 36.51 9.21 21.29
CA THR D 191 36.54 10.28 20.30
C THR D 191 35.16 10.84 19.98
N VAL D 192 34.10 10.12 20.32
CA VAL D 192 32.74 10.61 20.07
C VAL D 192 32.40 11.79 20.99
N ALA D 193 33.16 11.98 22.07
CA ALA D 193 32.89 13.04 23.03
C ALA D 193 33.19 14.44 22.50
N PHE D 194 33.73 14.55 21.29
CA PHE D 194 34.09 15.84 20.72
C PHE D 194 33.48 15.99 19.33
N PRO D 195 32.95 17.18 19.00
CA PRO D 195 32.44 17.37 17.63
C PRO D 195 33.50 17.13 16.58
N GLU D 196 34.70 17.68 16.75
CA GLU D 196 35.82 17.41 15.88
C GLU D 196 36.96 16.77 16.67
N TYR D 197 37.70 15.87 16.01
CA TYR D 197 38.79 15.14 16.65
C TYR D 197 39.93 15.00 15.65
N PRO D 198 40.77 16.03 15.52
CA PRO D 198 41.84 15.99 14.52
C PRO D 198 42.85 14.90 14.81
N GLY D 199 43.58 14.53 13.75
CA GLY D 199 44.65 13.55 13.88
C GLY D 199 44.25 12.12 13.72
N LEU D 200 43.07 11.84 13.16
CA LEU D 200 42.56 10.48 13.05
C LEU D 200 42.70 9.98 11.61
N HIS D 201 42.92 8.67 11.49
CA HIS D 201 42.87 8.02 10.20
C HIS D 201 41.49 8.26 9.57
N PRO D 202 41.43 8.49 8.25
CA PRO D 202 40.11 8.73 7.62
C PRO D 202 39.06 7.70 7.97
N GLU D 203 39.42 6.42 8.03
CA GLU D 203 38.46 5.39 8.41
C GLU D 203 38.01 5.56 9.85
N GLU D 204 38.87 6.11 10.71
CA GLU D 204 38.48 6.33 12.10
C GLU D 204 37.53 7.50 12.26
N GLU D 205 37.59 8.48 11.35
CA GLU D 205 36.72 9.64 11.48
C GLU D 205 35.28 9.28 11.10
N GLU D 206 35.09 8.42 10.11
CA GLU D 206 33.74 8.00 9.75
C GLU D 206 33.08 7.25 10.89
N CYS D 207 33.76 6.22 11.42
CA CYS D 207 33.23 5.48 12.55
C CYS D 207 32.94 6.41 13.73
N ARG D 208 33.71 7.49 13.87
CA ARG D 208 33.48 8.42 14.96
C ARG D 208 32.24 9.27 14.73
N VAL D 209 32.05 9.78 13.51
CA VAL D 209 30.83 10.52 13.21
C VAL D 209 29.65 9.59 13.01
N SER D 210 29.89 8.34 12.61
N SER D 210 29.89 8.34 12.61
CA SER D 210 28.80 7.37 12.51
CA SER D 210 28.80 7.37 12.52
C SER D 210 28.30 6.95 13.89
C SER D 210 28.29 6.98 13.89
N PHE D 211 29.19 6.88 14.88
CA PHE D 211 28.78 6.53 16.23
C PHE D 211 28.16 7.71 16.96
N ARG D 212 28.62 8.93 16.67
CA ARG D 212 27.93 10.10 17.20
C ARG D 212 26.51 10.20 16.67
N ASN D 213 26.30 9.79 15.42
N ASN D 213 26.29 9.77 15.42
CA ASN D 213 24.95 9.77 14.86
CA ASN D 213 24.96 9.77 14.86
C ASN D 213 24.13 8.60 15.41
C ASN D 213 24.13 8.59 15.34
N LEU D 214 24.77 7.46 15.65
CA LEU D 214 24.05 6.30 16.16
C LEU D 214 23.63 6.50 17.61
N ASN D 215 24.52 7.08 18.43
CA ASN D 215 24.20 7.30 19.84
C ASN D 215 23.02 8.25 20.00
N LYS D 216 22.96 9.29 19.17
CA LYS D 216 21.82 10.21 19.21
C LYS D 216 20.56 9.52 18.69
N LEU D 217 20.70 8.63 17.71
CA LEU D 217 19.54 7.94 17.14
C LEU D 217 18.96 6.95 18.14
N LEU D 218 19.82 6.15 18.77
CA LEU D 218 19.33 5.17 19.73
C LEU D 218 18.69 5.82 20.95
N ALA D 219 19.20 6.99 21.36
CA ALA D 219 18.61 7.69 22.49
C ALA D 219 17.24 8.27 22.17
N ALA D 220 16.96 8.53 20.91
CA ALA D 220 15.68 9.09 20.48
C ALA D 220 14.78 8.06 19.81
N ASP D 221 15.10 6.77 19.93
CA ASP D 221 14.30 5.72 19.29
C ASP D 221 13.27 5.21 20.28
N PRO D 222 11.97 5.51 20.09
CA PRO D 222 10.97 5.06 21.07
C PRO D 222 10.69 3.57 21.03
N ARG D 223 11.13 2.86 19.99
CA ARG D 223 10.93 1.42 19.93
C ARG D 223 11.80 0.66 20.92
N VAL D 224 12.70 1.33 21.63
CA VAL D 224 13.69 0.66 22.46
C VAL D 224 13.99 1.53 23.68
N GLU D 225 14.45 0.87 24.75
N GLU D 225 14.43 0.87 24.75
CA GLU D 225 15.10 1.55 25.87
CA GLU D 225 15.10 1.50 25.87
C GLU D 225 16.58 1.21 25.84
C GLU D 225 16.59 1.22 25.76
N ILE D 226 17.42 2.20 26.10
CA ILE D 226 18.86 2.06 25.95
C ILE D 226 19.55 2.11 27.31
N SER D 227 20.84 1.75 27.28
CA SER D 227 21.71 1.89 28.44
C SER D 227 23.14 1.78 27.91
N GLN D 228 23.83 2.92 27.82
CA GLN D 228 25.19 2.96 27.34
C GLN D 228 26.15 2.66 28.49
N VAL D 229 26.97 1.62 28.32
CA VAL D 229 27.86 1.15 29.36
C VAL D 229 29.30 1.38 28.90
N SER D 230 30.10 1.99 29.78
CA SER D 230 31.49 2.32 29.45
C SER D 230 32.44 1.21 29.92
N ILE D 231 32.18 0.00 29.43
CA ILE D 231 33.01 -1.16 29.71
C ILE D 231 33.76 -1.54 28.44
N GLY D 232 35.03 -1.86 28.58
CA GLY D 232 35.86 -2.22 27.44
C GLY D 232 35.95 -1.10 26.42
N ALA D 233 35.32 -1.30 25.27
CA ALA D 233 35.30 -0.30 24.21
C ALA D 233 34.06 0.58 24.25
N GLY D 234 33.15 0.36 25.19
CA GLY D 234 31.91 1.09 25.25
C GLY D 234 30.82 0.44 24.42
N LEU D 235 29.69 0.09 25.06
CA LEU D 235 28.61 -0.59 24.37
C LEU D 235 27.28 0.01 24.81
N THR D 236 26.28 -0.15 23.94
CA THR D 236 24.91 0.29 24.22
C THR D 236 23.99 -0.92 24.21
N ILE D 237 23.25 -1.09 25.30
CA ILE D 237 22.26 -2.16 25.41
C ILE D 237 20.90 -1.60 25.02
N CYS D 238 20.24 -2.25 24.06
CA CYS D 238 18.90 -1.89 23.64
C CYS D 238 17.92 -2.97 24.08
N ARG D 239 16.68 -2.56 24.33
CA ARG D 239 15.62 -3.51 24.71
C ARG D 239 14.36 -3.15 23.95
N ARG D 240 13.86 -4.09 23.14
CA ARG D 240 12.73 -3.81 22.28
C ARG D 240 11.46 -3.60 23.09
N LEU D 241 10.77 -2.48 22.84
CA LEU D 241 9.50 -2.16 23.49
C LEU D 241 8.31 -2.65 22.66
N TYR D 242 8.30 -2.32 21.38
CA TYR D 242 7.23 -2.75 20.48
C TYR D 242 7.78 -2.95 19.07
C1 GOL E . -2.71 2.38 -20.55
O1 GOL E . -1.47 2.30 -19.90
C2 GOL E . -3.10 3.87 -20.55
O2 GOL E . -2.34 4.61 -21.43
C3 GOL E . -4.59 3.87 -20.90
O3 GOL E . -4.93 5.20 -21.16
C1 GOL F . 0.07 33.03 -21.21
O1 GOL F . -1.09 32.92 -20.45
C2 GOL F . 0.94 34.11 -20.54
O2 GOL F . 1.47 33.68 -19.32
C3 GOL F . 2.04 34.39 -21.57
O3 GOL F . 2.77 35.45 -21.07
MG MG G . 8.27 9.74 -14.58
N SAH H . 13.46 9.96 -12.34
CA SAH H . 13.61 8.52 -12.17
CB SAH H . 12.28 7.88 -11.79
CG SAH H . 11.48 8.59 -10.71
SD SAH H . 10.42 7.44 -9.81
C SAH H . 14.15 7.85 -13.43
O SAH H . 14.84 8.48 -14.23
OXT SAH H . 13.93 6.67 -13.66
C5' SAH H . 9.96 8.70 -8.60
C4' SAH H . 10.92 8.79 -7.42
O4' SAH H . 10.57 9.89 -6.60
C3' SAH H . 10.88 7.56 -6.53
O3' SAH H . 12.13 6.92 -6.54
C2' SAH H . 10.63 8.07 -5.13
O2' SAH H . 11.53 7.49 -4.22
C1' SAH H . 10.83 9.58 -5.25
N9 SAH H . 9.95 10.32 -4.33
C8 SAH H . 8.69 9.98 -3.94
N7 SAH H . 8.23 10.93 -3.08
C5 SAH H . 9.19 11.88 -2.93
C6 SAH H . 9.26 13.05 -2.20
N6 SAH H . 8.23 13.42 -1.45
N1 SAH H . 10.40 13.83 -2.24
C2 SAH H . 11.47 13.43 -3.02
N3 SAH H . 11.40 12.26 -3.75
C4 SAH H . 10.28 11.50 -3.71
O2 H6N I . 4.56 6.95 -9.42
C H6N I . 4.41 6.37 -10.45
C1 H6N I . 5.15 6.84 -11.70
C2 H6N I . 6.20 7.73 -11.58
C3 H6N I . 6.88 8.15 -12.70
O3 H6N I . 7.95 9.06 -12.58
C4 H6N I . 6.51 7.68 -13.95
O4 H6N I . 7.20 8.10 -15.11
C5 H6N I . 5.46 6.79 -14.07
C6 H6N I . 4.78 6.36 -12.95
MG MG J . -10.70 4.56 14.58
N SAH K . -15.58 3.10 12.22
CA SAH K . -15.19 1.71 12.06
CB SAH K . -13.71 1.59 11.75
CG SAH K . -13.19 2.56 10.69
SD SAH K . -11.79 1.88 9.77
C SAH K . -15.53 0.88 13.30
O SAH K . -16.35 1.27 14.13
OXT SAH K . -15.01 -0.21 13.49
C5' SAH K . -11.82 3.24 8.57
C4' SAH K . -12.72 2.97 7.38
O4' SAH K . -12.85 4.14 6.59
C3' SAH K . -12.17 1.88 6.47
O3' SAH K . -12.97 0.73 6.56
C2' SAH K . -12.23 2.46 5.06
O2' SAH K . -12.94 1.61 4.21
C1' SAH K . -12.95 3.80 5.23
N9 SAH K . -12.33 4.83 4.38
C8 SAH K . -11.00 4.97 4.09
N7 SAH K . -10.84 6.03 3.28
C5 SAH K . -12.05 6.58 3.04
C6 SAH K . -12.45 7.68 2.30
N6 SAH K . -11.55 8.41 1.63
N1 SAH K . -13.79 8.01 2.24
C2 SAH K . -14.72 7.26 2.92
N3 SAH K . -14.31 6.17 3.66
C4 SAH K . -12.99 5.83 3.73
O2 H6N L . -6.10 2.85 9.52
C H6N L . -5.85 2.29 10.54
C1 H6N L . -6.70 2.58 11.77
C2 H6N L . -7.94 3.20 11.63
C3 H6N L . -8.71 3.46 12.75
O3 H6N L . -9.95 4.08 12.61
C4 H6N L . -8.24 3.12 14.00
O4 H6N L . -9.02 3.39 15.14
C5 H6N L . -7.00 2.51 14.15
C6 H6N L . -6.23 2.25 13.02
MG MG M . -31.76 -12.64 -19.09
N SAH N . -28.82 -16.95 -18.11
CA SAH N . -29.89 -17.91 -17.83
CB SAH N . -30.98 -17.28 -16.98
CG SAH N . -30.55 -16.35 -15.85
SD SAH N . -31.91 -16.10 -14.69
C SAH N . -30.49 -18.48 -19.12
O SAH N . -29.79 -18.73 -20.09
OXT SAH N . -31.69 -18.71 -19.20
C5' SAH N . -30.85 -15.33 -13.44
C4' SAH N . -30.22 -16.32 -12.48
O4' SAH N . -29.26 -15.67 -11.69
C3' SAH N . -31.23 -16.95 -11.53
O3' SAH N . -31.30 -18.34 -11.75
C2' SAH N . -30.68 -16.69 -10.13
O2' SAH N . -30.71 -17.87 -9.36
C1' SAH N . -29.25 -16.25 -10.40
N9 SAH N . -28.76 -15.31 -9.39
C8 SAH N . -29.48 -14.41 -8.65
N7 SAH N . -28.65 -13.74 -7.83
C5 SAH N . -27.39 -14.22 -8.02
C6 SAH N . -26.17 -13.91 -7.45
N6 SAH N . -26.08 -12.96 -6.52
N1 SAH N . -25.04 -14.57 -7.86
C2 SAH N . -25.11 -15.55 -8.84
N3 SAH N . -26.34 -15.86 -9.40
C4 SAH N . -27.45 -15.20 -9.00
MG MG O . 34.48 -4.71 18.73
N SAH P . 33.12 -10.01 17.50
CA SAH P . 34.55 -10.30 17.41
CB SAH P . 35.29 -9.16 16.71
CG SAH P . 34.55 -8.48 15.58
SD SAH P . 35.71 -7.99 14.27
C SAH P . 35.17 -10.55 18.78
O SAH P . 34.63 -11.28 19.60
OXT SAH P . 36.25 -10.04 19.09
C5' SAH P . 34.38 -7.65 13.10
C4' SAH P . 34.11 -8.80 12.15
O4' SAH P . 32.99 -8.49 11.35
C3' SAH P . 35.27 -9.06 11.20
O3' SAH P . 35.77 -10.35 11.41
C2' SAH P . 34.69 -8.96 9.81
O2' SAH P . 35.07 -10.07 9.03
C1' SAH P . 33.19 -8.96 10.04
N9 SAH P . 32.49 -8.11 9.05
C8 SAH P . 32.95 -6.95 8.49
N7 SAH P . 32.01 -6.50 7.63
C5 SAH P . 30.96 -7.35 7.65
C6 SAH P . 29.74 -7.37 6.98
N6 SAH P . 29.44 -6.40 6.12
N1 SAH P . 28.85 -8.39 7.21
C2 SAH P . 29.16 -9.39 8.10
N3 SAH P . 30.37 -9.38 8.76
C4 SAH P . 31.25 -8.36 8.55
#